data_4KHW
#
_entry.id   4KHW
#
_cell.length_a   80.355
_cell.length_b   118.630
_cell.length_c   126.310
_cell.angle_alpha   90.00
_cell.angle_beta   90.00
_cell.angle_gamma   90.00
#
_symmetry.space_group_name_H-M   'P 21 21 21'
#
loop_
_entity.id
_entity.type
_entity.pdbx_description
1 polymer 'DNA polymerase'
2 polymer "DNA/RNA (5'-D(*AP*CP*AP*G)-R(P*G)-D(P*TP*AP*AP*GP*CP*AP*GP*TP*CP*CP*GP*CP*G)-3')"
3 polymer "DNA (5'-D(*GP*CP*GP*GP*AP*CP*TP*GP*CP*TP*TP*AP*CP*C)-3')"
4 non-polymer "THYMIDINE-5'-TRIPHOSPHATE"
5 non-polymer 'CALCIUM ION'
6 non-polymer 'SODIUM ION'
7 water water
#
loop_
_entity_poly.entity_id
_entity_poly.type
_entity_poly.pdbx_seq_one_letter_code
_entity_poly.pdbx_strand_id
1 'polypeptide(L)'
;MKEFYLTVEQIGDSIFERYIDSNGRERTREVEYKPSLFAHCPESQATKYFDIYGKPCTRKLFANMRDASQWIKRMEDIGL
EALGMDDFKLAYLSDTYNYEIKYDHTKIRVANFDIEVTSPDGFPEPSQAKHPIDAITHYDSIDDRFYVFDLLNSPYGNVE
EWSIEIAAKLQEQGGDEVPSEIIDKIIYMPFDNEKELLMEYLNFWQQKTPVILTGWNVESFAIPYVYNRIKNIFGESTAK
RLSPHRKTRVKVIENMYGSREIITLFGISVLDYIDLYKKFSFTNQPSYSLDYISEFELNVGKLKYDGPISKLRESNHQRY
ISYNIIAVYRVLQIDAKRQFINLSLDMGYYAKIQIQSVFSPIKTWDAIIFNSLKEQNKVIPQGRSHPVQPYPGAFVKEPI
PNRYKYVMSFDLTSFYPSIIRQVNISPETIAGTFKVAPLHDYINAVAERPSDVYSCSPNGMMYYKDRDGVVPTEITKVFN
QRKEHKGYMLAAQRNGEIIKEALHNPNLSVDEPLDVDYRFDFSDEIKEKIKKLSAKSLNEMLFRAQRTEVAGMTAQINRK
LLINSLYGALGNVWFRYYDLRNATAITTFGQMALQWIERKVNEYLNEVCGTEGEAFVLYGDTDSIYVSADKIIDKVGESK
FRDTNHWVDFLDKFARERMEPAIDRGFREMCEYMNNKQHLMFMDREAIAGPPLGSKGIGGFWTGKKRYALNVWDMEGTRY
AEPKLKIMGLETQKSSTPKAVQKALKECIRRMLQEGEESLQEYFKEFEKEFRQLNYISIASVSSANNIAKYDVGGFPGPK
CPFHIRGILTYNRAIKGNIDAPQVVEGEKVYVLPLREGNPFGDKCIAWPSGTEITDLIKDDVLHWMDYTVLLEKTFIKPL
EGFTSAAKLDYEKKASLFDMFDF
;
A
2 'polydeoxyribonucleotide/polyribonucleotide hybrid' (DA)(DC)(DA)(DG)G(DT)(DA)(DA)(DG)(DC)(DA)(DG)(DT)(DC)(DC)(DG)(DC)(DG) T
3 'polydeoxyribonucleotide' (DG)(DC)(DG)(DG)(DA)(DC)(DT)(DG)(DC)(DT)(DT)(DA)(DC)(DC) P
#
loop_
_chem_comp.id
_chem_comp.type
_chem_comp.name
_chem_comp.formula
CA non-polymer 'CALCIUM ION' 'Ca 2'
DA DNA linking 2'-DEOXYADENOSINE-5'-MONOPHOSPHATE 'C10 H14 N5 O6 P'
DC DNA linking 2'-DEOXYCYTIDINE-5'-MONOPHOSPHATE 'C9 H14 N3 O7 P'
DG DNA linking 2'-DEOXYGUANOSINE-5'-MONOPHOSPHATE 'C10 H14 N5 O7 P'
DT DNA linking THYMIDINE-5'-MONOPHOSPHATE 'C10 H15 N2 O8 P'
G RNA linking GUANOSINE-5'-MONOPHOSPHATE 'C10 H14 N5 O8 P'
NA non-polymer 'SODIUM ION' 'Na 1'
TTP non-polymer THYMIDINE-5'-TRIPHOSPHATE 'C10 H17 N2 O14 P3'
#
# COMPACT_ATOMS: atom_id res chain seq x y z
N MET A 1 32.54 -8.06 9.85
CA MET A 1 31.42 -8.02 8.92
C MET A 1 31.72 -7.15 7.71
N LYS A 2 30.88 -7.26 6.69
CA LYS A 2 31.00 -6.43 5.49
C LYS A 2 30.50 -5.02 5.77
N GLU A 3 31.20 -4.02 5.24
CA GLU A 3 30.81 -2.63 5.41
C GLU A 3 29.54 -2.32 4.64
N PHE A 4 28.71 -1.45 5.20
CA PHE A 4 27.51 -0.98 4.52
C PHE A 4 27.17 0.45 4.90
N TYR A 5 26.73 1.24 3.91
CA TYR A 5 26.44 2.64 4.13
C TYR A 5 25.17 2.83 4.96
N LEU A 6 25.02 4.01 5.56
CA LEU A 6 23.81 4.36 6.27
C LEU A 6 23.06 5.42 5.47
N THR A 7 23.75 6.53 5.20
CA THR A 7 23.17 7.63 4.43
C THR A 7 24.23 8.19 3.49
N VAL A 8 23.79 8.82 2.41
CA VAL A 8 24.72 9.45 1.47
C VAL A 8 24.11 10.75 0.96
N GLU A 9 24.94 11.78 0.84
CA GLU A 9 24.48 13.06 0.31
C GLU A 9 25.52 13.63 -0.64
N GLN A 10 25.09 14.52 -1.51
CA GLN A 10 26.01 15.27 -2.35
C GLN A 10 25.95 16.74 -1.99
N ILE A 11 27.04 17.25 -1.43
CA ILE A 11 27.14 18.66 -1.10
C ILE A 11 28.27 19.28 -1.91
N GLY A 12 27.91 19.89 -3.04
CA GLY A 12 28.90 20.46 -3.93
C GLY A 12 29.81 19.40 -4.51
N ASP A 13 31.11 19.53 -4.26
CA ASP A 13 32.08 18.57 -4.77
C ASP A 13 32.35 17.46 -3.78
N SER A 14 31.57 17.44 -2.70
CA SER A 14 31.76 16.43 -1.66
C SER A 14 30.59 15.44 -1.59
N ILE A 15 30.94 14.18 -1.36
CA ILE A 15 29.97 13.16 -1.01
C ILE A 15 30.08 12.93 0.49
N PHE A 16 29.00 13.22 1.21
CA PHE A 16 28.97 12.97 2.64
C PHE A 16 28.30 11.64 2.94
N GLU A 17 29.05 10.72 3.51
CA GLU A 17 28.56 9.38 3.77
C GLU A 17 28.67 8.98 5.23
N ARG A 18 27.55 8.56 5.80
CA ARG A 18 27.56 7.88 7.07
C ARG A 18 27.51 6.40 6.77
N TYR A 19 28.33 5.62 7.48
CA TYR A 19 28.40 4.19 7.23
C TYR A 19 28.82 3.40 8.46
N ILE A 20 28.60 2.08 8.38
CA ILE A 20 29.05 1.16 9.41
C ILE A 20 30.29 0.46 8.89
N ASP A 21 31.40 0.52 9.64
CA ASP A 21 32.64 -0.07 9.15
C ASP A 21 32.75 -1.57 9.41
N SER A 22 33.90 -2.14 9.05
CA SER A 22 34.14 -3.57 9.16
C SER A 22 34.06 -4.06 10.61
N ASN A 23 34.25 -3.16 11.56
CA ASN A 23 34.18 -3.52 12.98
C ASN A 23 32.80 -3.27 13.56
N GLY A 24 31.87 -2.83 12.72
CA GLY A 24 30.49 -2.61 13.13
C GLY A 24 30.23 -1.23 13.72
N ARG A 25 31.19 -0.34 13.58
CA ARG A 25 31.10 1.00 14.17
C ARG A 25 30.68 2.06 13.14
N GLU A 26 29.80 2.97 13.56
CA GLU A 26 29.34 4.04 12.67
C GLU A 26 30.38 5.15 12.49
N ARG A 27 30.71 5.44 11.23
CA ARG A 27 31.66 6.50 10.91
C ARG A 27 31.03 7.50 9.95
N THR A 28 31.75 8.58 9.66
CA THR A 28 31.31 9.57 8.68
C THR A 28 32.52 10.08 7.91
N ARG A 29 32.45 10.03 6.58
CA ARG A 29 33.54 10.50 5.74
C ARG A 29 33.08 11.48 4.68
N GLU A 30 33.89 12.49 4.44
CA GLU A 30 33.66 13.44 3.35
C GLU A 30 34.59 13.08 2.21
N VAL A 31 34.03 12.53 1.15
CA VAL A 31 34.84 12.09 0.01
C VAL A 31 34.75 13.06 -1.15
N GLU A 32 35.89 13.55 -1.60
CA GLU A 32 35.94 14.37 -2.81
C GLU A 32 35.84 13.43 -4.01
N TYR A 33 34.62 12.97 -4.25
CA TYR A 33 34.34 11.94 -5.26
C TYR A 33 34.65 12.38 -6.67
N LYS A 34 35.41 11.56 -7.39
CA LYS A 34 35.73 11.83 -8.79
C LYS A 34 34.87 10.95 -9.68
N PRO A 35 33.77 11.52 -10.21
CA PRO A 35 32.79 10.74 -10.97
C PRO A 35 33.23 10.57 -12.41
N SER A 36 32.71 9.54 -13.07
CA SER A 36 32.98 9.35 -14.49
C SER A 36 31.69 9.41 -15.29
N LEU A 37 31.75 10.09 -16.43
CA LEU A 37 30.66 10.06 -17.38
C LEU A 37 31.23 9.61 -18.72
N PHE A 38 30.37 9.32 -19.69
CA PHE A 38 30.82 8.72 -20.93
C PHE A 38 30.29 9.44 -22.16
N ALA A 39 31.06 9.36 -23.24
CA ALA A 39 30.64 9.93 -24.52
C ALA A 39 30.94 8.91 -25.59
N HIS A 40 30.11 8.88 -26.63
CA HIS A 40 30.35 7.99 -27.76
C HIS A 40 31.70 8.33 -28.38
N CYS A 41 32.35 7.32 -28.95
CA CYS A 41 33.66 7.51 -29.54
C CYS A 41 33.72 6.65 -30.80
N PRO A 42 34.72 6.91 -31.67
CA PRO A 42 34.83 6.11 -32.90
C PRO A 42 35.05 4.63 -32.60
N GLU A 43 34.72 3.78 -33.56
CA GLU A 43 34.92 2.33 -33.42
C GLU A 43 36.39 2.00 -33.22
N SER A 44 37.25 2.82 -33.82
CA SER A 44 38.69 2.58 -33.80
C SER A 44 39.29 2.81 -32.42
N GLN A 45 38.70 3.72 -31.65
CA GLN A 45 39.19 3.99 -30.30
C GLN A 45 38.91 2.81 -29.38
N ALA A 46 39.97 2.07 -29.06
CA ALA A 46 39.87 0.89 -28.22
C ALA A 46 39.33 1.25 -26.85
N THR A 47 38.36 0.47 -26.37
CA THR A 47 37.75 0.74 -25.08
C THR A 47 37.13 -0.51 -24.47
N LYS A 48 36.78 -0.44 -23.19
CA LYS A 48 36.11 -1.54 -22.52
C LYS A 48 34.66 -1.17 -22.26
N TYR A 49 34.33 0.10 -22.50
CA TYR A 49 33.00 0.62 -22.23
C TYR A 49 32.14 0.74 -23.48
N PHE A 50 30.91 0.25 -23.38
CA PHE A 50 29.95 0.34 -24.47
C PHE A 50 28.58 0.72 -23.90
N ASP A 51 27.76 1.40 -24.68
CA ASP A 51 26.39 1.65 -24.24
C ASP A 51 25.59 0.34 -24.36
N ILE A 52 24.33 0.38 -23.95
CA ILE A 52 23.51 -0.83 -23.95
C ILE A 52 23.26 -1.35 -25.37
N TYR A 53 23.49 -0.49 -26.36
CA TYR A 53 23.25 -0.85 -27.75
C TYR A 53 24.53 -1.29 -28.45
N GLY A 54 25.64 -1.33 -27.72
CA GLY A 54 26.90 -1.84 -28.24
C GLY A 54 27.85 -0.79 -28.81
N LYS A 55 27.43 0.47 -28.79
CA LYS A 55 28.29 1.55 -29.29
C LYS A 55 29.40 1.86 -28.30
N PRO A 56 30.65 1.95 -28.78
CA PRO A 56 31.78 2.21 -27.89
C PRO A 56 31.71 3.61 -27.29
N CYS A 57 32.23 3.75 -26.07
CA CYS A 57 32.24 5.03 -25.40
C CYS A 57 33.58 5.24 -24.73
N THR A 58 34.02 6.48 -24.62
N THR A 58 34.00 6.49 -24.63
CA THR A 58 35.21 6.80 -23.85
CA THR A 58 35.19 6.83 -23.86
C THR A 58 34.83 7.37 -22.49
C THR A 58 34.74 7.26 -22.48
N ARG A 59 35.52 6.89 -21.46
CA ARG A 59 35.23 7.31 -20.10
C ARG A 59 35.89 8.65 -19.83
N LYS A 60 35.13 9.60 -19.31
CA LYS A 60 35.69 10.89 -18.93
C LYS A 60 35.71 11.01 -17.41
N LEU A 61 36.91 10.93 -16.84
CA LEU A 61 37.05 11.14 -15.40
C LEU A 61 37.07 12.64 -15.14
N PHE A 62 36.37 13.07 -14.10
CA PHE A 62 36.29 14.48 -13.77
C PHE A 62 36.98 14.76 -12.44
N ALA A 63 37.55 15.95 -12.32
CA ALA A 63 38.24 16.35 -11.10
C ALA A 63 37.25 16.46 -9.95
N ASN A 64 36.03 16.89 -10.27
CA ASN A 64 34.97 16.99 -9.28
C ASN A 64 33.59 16.84 -9.90
N MET A 65 32.57 16.73 -9.07
CA MET A 65 31.21 16.49 -9.54
C MET A 65 30.62 17.67 -10.28
N ARG A 66 30.94 18.88 -9.83
CA ARG A 66 30.43 20.09 -10.47
C ARG A 66 31.00 20.25 -11.87
N ASP A 67 32.22 19.76 -12.09
CA ASP A 67 32.81 19.74 -13.42
C ASP A 67 32.10 18.74 -14.32
N ALA A 68 31.63 17.65 -13.73
CA ALA A 68 30.94 16.60 -14.47
C ALA A 68 29.57 17.07 -14.93
N SER A 69 28.93 17.90 -14.11
N SER A 69 28.92 17.90 -14.11
CA SER A 69 27.60 18.43 -14.42
CA SER A 69 27.59 18.41 -14.43
C SER A 69 27.67 19.50 -15.50
C SER A 69 27.65 19.52 -15.48
N GLN A 70 28.69 20.36 -15.39
CA GLN A 70 28.89 21.43 -16.35
C GLN A 70 29.21 20.85 -17.72
N TRP A 71 29.81 19.66 -17.72
CA TRP A 71 30.08 18.96 -18.95
C TRP A 71 28.81 18.41 -19.58
N ILE A 72 27.88 17.96 -18.75
CA ILE A 72 26.59 17.50 -19.24
C ILE A 72 25.85 18.64 -19.91
N LYS A 73 25.88 19.81 -19.28
CA LYS A 73 25.24 21.02 -19.81
C LYS A 73 25.84 21.40 -21.16
N ARG A 74 27.17 21.30 -21.27
CA ARG A 74 27.84 21.61 -22.52
C ARG A 74 27.50 20.62 -23.63
N MET A 75 27.42 19.33 -23.27
CA MET A 75 27.08 18.30 -24.26
C MET A 75 25.67 18.48 -24.77
N GLU A 76 24.81 19.06 -23.94
CA GLU A 76 23.47 19.44 -24.37
C GLU A 76 23.55 20.58 -25.38
N ASP A 77 24.36 21.59 -25.07
CA ASP A 77 24.52 22.75 -25.94
C ASP A 77 25.21 22.41 -27.26
N ILE A 78 25.96 21.31 -27.27
CA ILE A 78 26.61 20.84 -28.50
C ILE A 78 25.62 20.00 -29.30
N GLY A 79 24.81 19.23 -28.60
CA GLY A 79 23.82 18.38 -29.23
C GLY A 79 24.22 16.92 -29.22
N LEU A 80 25.05 16.54 -28.25
CA LEU A 80 25.52 15.16 -28.15
C LEU A 80 25.11 14.51 -26.84
N GLU A 81 24.91 13.20 -26.88
CA GLU A 81 24.49 12.45 -25.71
C GLU A 81 25.60 12.38 -24.64
N ALA A 82 25.22 12.67 -23.41
CA ALA A 82 26.14 12.54 -22.28
C ALA A 82 25.72 11.34 -21.44
N LEU A 83 26.40 10.22 -21.64
CA LEU A 83 25.98 8.93 -21.04
C LEU A 83 26.55 8.72 -19.64
N GLY A 84 25.91 7.82 -18.89
CA GLY A 84 26.39 7.48 -17.55
C GLY A 84 25.46 7.94 -16.44
N MET A 85 25.77 7.53 -15.21
CA MET A 85 24.96 7.88 -14.06
C MET A 85 25.14 9.35 -13.65
N ASP A 86 24.13 10.16 -13.88
CA ASP A 86 24.19 11.58 -13.59
C ASP A 86 23.93 11.90 -12.12
N ASP A 87 23.21 11.00 -11.45
CA ASP A 87 23.01 11.11 -10.00
C ASP A 87 24.26 10.54 -9.33
N PHE A 88 25.21 11.40 -8.99
CA PHE A 88 26.51 10.97 -8.52
C PHE A 88 26.50 10.22 -7.19
N LYS A 89 25.50 10.48 -6.36
CA LYS A 89 25.35 9.75 -5.11
C LYS A 89 25.23 8.26 -5.39
N LEU A 90 24.45 7.93 -6.42
CA LEU A 90 24.27 6.53 -6.84
C LEU A 90 25.56 5.93 -7.39
N ALA A 91 26.33 6.73 -8.12
CA ALA A 91 27.60 6.28 -8.68
C ALA A 91 28.59 5.99 -7.55
N TYR A 92 28.58 6.87 -6.54
CA TYR A 92 29.43 6.70 -5.38
C TYR A 92 29.10 5.40 -4.65
N LEU A 93 27.81 5.18 -4.39
CA LEU A 93 27.37 3.97 -3.71
C LEU A 93 27.74 2.72 -4.50
N SER A 94 27.62 2.82 -5.82
CA SER A 94 27.97 1.72 -6.71
C SER A 94 29.45 1.39 -6.63
N ASP A 95 30.29 2.42 -6.64
CA ASP A 95 31.73 2.24 -6.57
C ASP A 95 32.14 1.68 -5.21
N THR A 96 31.70 2.36 -4.15
CA THR A 96 32.12 2.06 -2.80
C THR A 96 31.62 0.69 -2.33
N TYR A 97 30.47 0.27 -2.87
CA TYR A 97 29.88 -1.00 -2.44
C TYR A 97 29.67 -1.95 -3.61
N ASN A 98 30.78 -2.44 -4.17
CA ASN A 98 30.75 -3.31 -5.34
C ASN A 98 30.41 -4.76 -5.00
N TYR A 99 29.32 -4.96 -4.27
CA TYR A 99 28.89 -6.29 -3.84
C TYR A 99 27.47 -6.25 -3.29
N GLU A 100 26.85 -7.42 -3.15
CA GLU A 100 25.52 -7.52 -2.55
C GLU A 100 25.60 -7.13 -1.08
N ILE A 101 24.98 -6.00 -0.74
CA ILE A 101 25.07 -5.47 0.61
C ILE A 101 24.32 -6.30 1.63
N LYS A 102 25.06 -6.88 2.57
CA LYS A 102 24.49 -7.55 3.72
C LYS A 102 24.56 -6.59 4.90
N TYR A 103 23.40 -6.16 5.38
CA TYR A 103 23.37 -5.13 6.42
C TYR A 103 22.89 -5.67 7.76
N ASP A 104 23.42 -5.09 8.83
CA ASP A 104 23.01 -5.43 10.18
C ASP A 104 22.11 -4.31 10.70
N HIS A 105 20.81 -4.56 10.72
CA HIS A 105 19.85 -3.52 11.09
C HIS A 105 20.01 -3.06 12.54
N THR A 106 20.59 -3.90 13.39
CA THR A 106 20.81 -3.55 14.79
C THR A 106 21.81 -2.40 14.90
N LYS A 107 22.61 -2.23 13.86
CA LYS A 107 23.62 -1.18 13.83
C LYS A 107 23.03 0.12 13.29
N ILE A 108 21.91 0.00 12.59
CA ILE A 108 21.26 1.17 12.00
C ILE A 108 20.38 1.86 13.02
N ARG A 109 20.66 3.14 13.27
CA ARG A 109 19.90 3.87 14.28
C ARG A 109 18.55 4.32 13.73
N VAL A 110 17.48 3.65 14.17
CA VAL A 110 16.14 4.03 13.75
C VAL A 110 15.45 4.79 14.87
N ALA A 111 15.06 6.03 14.57
CA ALA A 111 14.45 6.88 15.57
C ALA A 111 12.97 7.11 15.28
N ASN A 112 12.14 6.74 16.24
N ASN A 112 12.12 6.77 16.24
CA ASN A 112 10.72 7.03 16.21
CA ASN A 112 10.70 7.05 16.15
C ASN A 112 10.43 8.16 17.18
C ASN A 112 10.32 8.11 17.17
N PHE A 113 9.91 9.28 16.69
CA PHE A 113 9.59 10.38 17.59
C PHE A 113 8.28 11.06 17.26
N ASP A 114 7.78 11.80 18.24
CA ASP A 114 6.52 12.50 18.12
C ASP A 114 6.60 13.66 19.10
N ILE A 115 6.16 14.84 18.67
CA ILE A 115 6.15 15.99 19.56
C ILE A 115 4.73 16.43 19.86
N GLU A 116 4.58 17.17 20.95
CA GLU A 116 3.29 17.77 21.27
C GLU A 116 3.45 19.27 21.31
N VAL A 117 2.48 19.98 20.76
CA VAL A 117 2.50 21.43 20.75
C VAL A 117 1.11 21.95 21.12
N THR A 118 1.00 22.55 22.31
CA THR A 118 -0.26 23.15 22.73
C THR A 118 -0.47 24.44 21.95
N SER A 119 -1.64 24.56 21.33
CA SER A 119 -1.98 25.76 20.59
C SER A 119 -3.44 26.13 20.83
N PRO A 120 -3.66 27.30 21.45
CA PRO A 120 -5.01 27.80 21.73
C PRO A 120 -5.73 28.28 20.47
N ASP A 121 -4.98 28.78 19.49
CA ASP A 121 -5.58 29.36 18.29
C ASP A 121 -5.52 28.40 17.09
N GLY A 122 -6.01 27.18 17.28
CA GLY A 122 -6.09 26.22 16.19
C GLY A 122 -4.83 25.44 15.96
N PHE A 123 -4.69 24.90 14.75
CA PHE A 123 -3.54 24.06 14.41
C PHE A 123 -2.24 24.87 14.31
N PRO A 124 -1.22 24.43 15.05
CA PRO A 124 0.08 25.12 15.06
C PRO A 124 0.87 24.88 13.77
N GLU A 125 0.85 25.86 12.87
CA GLU A 125 1.55 25.73 11.60
C GLU A 125 3.06 25.60 11.78
N PRO A 126 3.63 24.51 11.28
CA PRO A 126 5.07 24.24 11.42
C PRO A 126 5.95 25.34 10.81
N SER A 127 5.48 25.97 9.73
CA SER A 127 6.25 27.03 9.09
C SER A 127 6.41 28.23 10.01
N GLN A 128 5.43 28.42 10.89
CA GLN A 128 5.45 29.54 11.83
C GLN A 128 6.08 29.15 13.16
N ALA A 129 5.67 27.98 13.68
CA ALA A 129 6.15 27.49 14.97
C ALA A 129 6.02 28.55 16.06
N LYS A 130 4.83 29.13 16.18
CA LYS A 130 4.57 30.19 17.14
C LYS A 130 4.55 29.67 18.57
N HIS A 131 4.19 28.39 18.71
CA HIS A 131 3.90 27.82 20.02
C HIS A 131 5.01 26.90 20.51
N PRO A 132 5.21 26.87 21.84
CA PRO A 132 6.26 26.04 22.44
C PRO A 132 6.04 24.55 22.21
N ILE A 133 7.13 23.84 21.96
CA ILE A 133 7.10 22.39 21.95
C ILE A 133 7.14 21.94 23.42
N ASP A 134 6.05 21.37 23.91
CA ASP A 134 5.95 21.04 25.33
C ASP A 134 6.13 19.55 25.65
N ALA A 135 6.37 18.76 24.61
CA ALA A 135 6.66 17.34 24.79
C ALA A 135 7.33 16.75 23.56
N ILE A 136 8.38 15.97 23.78
CA ILE A 136 8.96 15.15 22.73
C ILE A 136 9.24 13.77 23.31
N THR A 137 8.71 12.74 22.69
CA THR A 137 9.12 11.37 22.99
C THR A 137 9.91 10.82 21.81
N HIS A 138 11.13 10.39 22.09
CA HIS A 138 12.05 9.96 21.06
C HIS A 138 12.51 8.55 21.38
N TYR A 139 12.08 7.57 20.60
CA TYR A 139 12.54 6.21 20.78
C TYR A 139 13.77 5.94 19.91
N ASP A 140 14.81 5.40 20.52
CA ASP A 140 16.03 5.03 19.81
C ASP A 140 16.09 3.51 19.71
N SER A 141 16.17 2.99 18.48
CA SER A 141 16.11 1.54 18.26
C SER A 141 17.33 0.82 18.78
N ILE A 142 18.46 1.53 18.85
CA ILE A 142 19.69 0.94 19.36
C ILE A 142 19.68 0.84 20.89
N ASP A 143 19.32 1.94 21.55
CA ASP A 143 19.21 1.94 23.00
C ASP A 143 17.98 1.15 23.44
N ASP A 144 17.01 1.01 22.55
CA ASP A 144 15.71 0.41 22.87
C ASP A 144 15.10 1.16 24.05
N ARG A 145 15.14 2.49 23.97
CA ARG A 145 14.67 3.33 25.05
C ARG A 145 13.80 4.47 24.54
N PHE A 146 12.75 4.79 25.29
CA PHE A 146 11.91 5.93 24.97
C PHE A 146 12.41 7.13 25.76
N TYR A 147 13.07 8.05 25.07
CA TYR A 147 13.56 9.25 25.71
C TYR A 147 12.46 10.32 25.74
N VAL A 148 11.99 10.64 26.93
CA VAL A 148 10.88 11.57 27.08
C VAL A 148 11.33 12.95 27.51
N PHE A 149 11.03 13.95 26.69
CA PHE A 149 11.35 15.34 26.97
C PHE A 149 10.08 16.10 27.32
N ASP A 150 9.94 16.42 28.61
CA ASP A 150 8.70 16.98 29.13
C ASP A 150 8.89 18.42 29.59
N LEU A 151 8.06 19.31 29.07
CA LEU A 151 8.13 20.73 29.44
C LEU A 151 7.17 21.04 30.58
N LEU A 152 7.71 21.24 31.78
CA LEU A 152 6.88 21.50 32.95
C LEU A 152 6.35 22.93 32.95
N ASN A 153 7.11 23.85 32.38
CA ASN A 153 6.73 25.26 32.42
C ASN A 153 6.59 25.87 31.03
N SER A 154 5.39 26.35 30.75
CA SER A 154 5.05 26.91 29.46
C SER A 154 4.19 28.14 29.67
N PRO A 155 4.18 29.07 28.70
CA PRO A 155 3.27 30.21 28.81
C PRO A 155 1.80 29.79 28.77
N TYR A 156 1.55 28.52 28.50
CA TYR A 156 0.18 28.00 28.44
C TYR A 156 -0.18 27.17 29.67
N GLY A 157 0.74 27.10 30.62
CA GLY A 157 0.48 26.41 31.88
C GLY A 157 1.70 25.76 32.52
N ASN A 158 1.77 25.84 33.84
CA ASN A 158 2.81 25.17 34.60
C ASN A 158 2.27 23.89 35.24
N VAL A 159 2.97 22.78 35.01
CA VAL A 159 2.48 21.47 35.41
C VAL A 159 3.51 20.71 36.24
N GLU A 160 3.06 19.67 36.94
CA GLU A 160 3.96 18.84 37.71
C GLU A 160 4.53 17.74 36.84
N GLU A 161 5.60 17.12 37.32
CA GLU A 161 6.24 16.03 36.58
C GLU A 161 5.25 14.90 36.30
N TRP A 162 5.46 14.25 35.18
CA TRP A 162 4.71 13.07 34.80
C TRP A 162 5.14 11.92 35.71
N SER A 163 4.16 11.17 36.21
CA SER A 163 4.46 10.05 37.11
C SER A 163 4.45 8.72 36.37
N ILE A 164 5.60 8.05 36.34
CA ILE A 164 5.71 6.76 35.66
C ILE A 164 4.90 5.70 36.40
N GLU A 165 4.68 5.94 37.69
CA GLU A 165 3.87 5.04 38.52
C GLU A 165 2.40 5.12 38.12
N ILE A 166 1.90 6.35 37.98
CA ILE A 166 0.52 6.57 37.57
C ILE A 166 0.29 6.13 36.13
N ALA A 167 1.26 6.41 35.27
CA ALA A 167 1.19 6.03 33.86
C ALA A 167 1.02 4.52 33.69
N ALA A 168 1.69 3.75 34.53
CA ALA A 168 1.66 2.29 34.44
C ALA A 168 0.32 1.72 34.89
N LYS A 169 -0.31 2.39 35.84
CA LYS A 169 -1.61 1.95 36.40
C LYS A 169 -2.69 1.81 35.32
N LEU A 170 -3.67 0.96 35.61
CA LEU A 170 -4.82 0.76 34.73
C LEU A 170 -5.64 2.04 34.67
N GLN A 171 -6.35 2.24 33.57
CA GLN A 171 -7.22 3.42 33.46
C GLN A 171 -8.31 3.37 34.50
N GLU A 172 -8.67 2.16 34.90
CA GLU A 172 -9.65 1.95 35.96
C GLU A 172 -9.06 2.29 37.34
N GLN A 173 -7.74 2.42 37.39
CA GLN A 173 -7.04 2.85 38.61
C GLN A 173 -6.76 4.35 38.57
N GLY A 174 -7.24 5.02 37.54
CA GLY A 174 -6.94 6.43 37.34
C GLY A 174 -5.61 6.60 36.61
N GLY A 175 -5.08 5.48 36.11
CA GLY A 175 -3.82 5.49 35.41
C GLY A 175 -3.97 5.70 33.92
N ASP A 176 -2.89 5.49 33.17
CA ASP A 176 -2.89 5.78 31.75
C ASP A 176 -2.67 4.54 30.86
N GLU A 177 -2.50 3.39 31.50
CA GLU A 177 -2.32 2.12 30.80
C GLU A 177 -1.21 2.13 29.75
N VAL A 178 -0.13 2.85 30.06
CA VAL A 178 1.09 2.74 29.28
C VAL A 178 1.59 1.30 29.40
N PRO A 179 1.72 0.60 28.26
CA PRO A 179 2.07 -0.82 28.18
C PRO A 179 3.25 -1.19 29.08
N SER A 180 3.05 -2.23 29.89
CA SER A 180 4.05 -2.65 30.87
C SER A 180 5.40 -3.00 30.23
N GLU A 181 5.37 -3.47 28.99
CA GLU A 181 6.59 -3.90 28.32
C GLU A 181 7.51 -2.73 27.95
N ILE A 182 7.03 -1.50 28.09
CA ILE A 182 7.86 -0.34 27.78
C ILE A 182 8.11 0.59 28.97
N ILE A 183 7.48 0.29 30.10
CA ILE A 183 7.64 1.09 31.31
C ILE A 183 9.11 1.23 31.70
N ASP A 184 9.84 0.12 31.66
CA ASP A 184 11.24 0.12 32.07
C ASP A 184 12.16 0.68 30.99
N LYS A 185 11.60 0.96 29.82
CA LYS A 185 12.40 1.46 28.71
C LYS A 185 12.26 2.98 28.56
N ILE A 186 11.45 3.57 29.42
CA ILE A 186 11.23 5.02 29.39
C ILE A 186 12.32 5.76 30.16
N ILE A 187 12.88 6.78 29.53
CA ILE A 187 13.84 7.65 30.20
C ILE A 187 13.27 9.07 30.26
N TYR A 188 12.81 9.45 31.44
CA TYR A 188 12.05 10.68 31.63
C TYR A 188 12.92 11.88 31.95
N MET A 189 12.75 12.96 31.19
CA MET A 189 13.50 14.18 31.39
C MET A 189 12.60 15.42 31.42
N PRO A 190 12.27 15.89 32.63
CA PRO A 190 11.48 17.12 32.77
C PRO A 190 12.37 18.35 32.60
N PHE A 191 11.79 19.43 32.12
CA PHE A 191 12.54 20.68 31.94
C PHE A 191 11.75 21.87 32.48
N ASP A 192 12.46 22.84 33.04
CA ASP A 192 11.80 24.01 33.62
C ASP A 192 11.50 25.09 32.58
N ASN A 193 12.01 24.93 31.36
CA ASN A 193 11.63 25.79 30.24
C ASN A 193 12.03 25.25 28.87
N GLU A 194 11.37 25.77 27.83
CA GLU A 194 11.51 25.26 26.47
C GLU A 194 12.92 25.32 25.89
N LYS A 195 13.65 26.38 26.18
CA LYS A 195 15.00 26.55 25.64
C LYS A 195 15.92 25.43 26.12
N GLU A 196 15.83 25.09 27.40
CA GLU A 196 16.66 24.03 27.97
C GLU A 196 16.30 22.65 27.41
N LEU A 197 15.01 22.45 27.15
CA LEU A 197 14.53 21.20 26.54
C LEU A 197 15.10 21.01 25.14
N LEU A 198 14.98 22.05 24.33
CA LEU A 198 15.41 21.97 22.94
C LEU A 198 16.93 21.80 22.81
N MET A 199 17.68 22.53 23.63
N MET A 199 17.68 22.55 23.63
CA MET A 199 19.14 22.41 23.59
CA MET A 199 19.13 22.44 23.66
C MET A 199 19.59 21.03 24.06
C MET A 199 19.54 21.03 24.03
N GLU A 200 18.89 20.49 25.05
CA GLU A 200 19.17 19.15 25.53
C GLU A 200 18.79 18.11 24.46
N TYR A 201 17.67 18.34 23.80
CA TYR A 201 17.25 17.46 22.71
C TYR A 201 18.25 17.50 21.56
N LEU A 202 18.78 18.68 21.25
CA LEU A 202 19.79 18.83 20.20
C LEU A 202 21.06 18.08 20.55
N ASN A 203 21.46 18.18 21.80
CA ASN A 203 22.65 17.49 22.27
C ASN A 203 22.41 15.98 22.29
N PHE A 204 21.22 15.60 22.71
CA PHE A 204 20.76 14.22 22.63
C PHE A 204 20.79 13.74 21.18
N TRP A 205 20.34 14.60 20.28
CA TRP A 205 20.28 14.31 18.86
C TRP A 205 21.67 14.04 18.30
N GLN A 206 22.66 14.83 18.74
CA GLN A 206 24.02 14.68 18.26
C GLN A 206 24.65 13.38 18.73
N GLN A 207 24.37 12.99 19.98
CA GLN A 207 24.89 11.75 20.53
C GLN A 207 24.27 10.54 19.84
N LYS A 208 22.99 10.63 19.53
CA LYS A 208 22.26 9.54 18.92
C LYS A 208 21.58 10.02 17.65
N THR A 209 22.40 10.34 16.65
CA THR A 209 21.89 10.90 15.41
C THR A 209 21.17 9.85 14.59
N PRO A 210 19.87 10.10 14.34
CA PRO A 210 19.02 9.18 13.58
C PRO A 210 19.59 8.91 12.20
N VAL A 211 19.58 7.65 11.79
CA VAL A 211 19.89 7.29 10.41
C VAL A 211 18.56 7.21 9.69
N ILE A 212 17.68 6.34 10.20
CA ILE A 212 16.30 6.32 9.77
C ILE A 212 15.47 7.11 10.76
N LEU A 213 14.75 8.11 10.27
CA LEU A 213 13.91 8.93 11.14
C LEU A 213 12.44 8.75 10.74
N THR A 214 11.62 8.37 11.71
CA THR A 214 10.21 8.09 11.40
C THR A 214 9.27 8.50 12.52
N GLY A 215 8.00 8.17 12.33
CA GLY A 215 6.93 8.58 13.22
C GLY A 215 5.70 8.83 12.40
N TRP A 216 4.69 9.47 13.00
CA TRP A 216 3.46 9.75 12.28
C TRP A 216 3.38 11.22 11.91
N ASN A 217 3.30 11.49 10.60
CA ASN A 217 3.32 12.85 10.07
C ASN A 217 4.58 13.64 10.43
N VAL A 218 5.68 12.93 10.68
CA VAL A 218 6.91 13.60 11.11
C VAL A 218 7.47 14.52 10.04
N GLU A 219 7.26 14.18 8.77
CA GLU A 219 7.77 14.99 7.68
C GLU A 219 6.93 16.24 7.45
N SER A 220 5.62 16.13 7.63
CA SER A 220 4.74 17.27 7.41
C SER A 220 4.51 18.10 8.67
N PHE A 221 4.79 17.53 9.84
CA PHE A 221 4.62 18.28 11.08
C PHE A 221 5.83 18.34 12.00
N ALA A 222 6.16 17.20 12.61
CA ALA A 222 7.18 17.15 13.66
C ALA A 222 8.53 17.74 13.24
N ILE A 223 9.12 17.20 12.19
CA ILE A 223 10.41 17.68 11.73
C ILE A 223 10.41 19.17 11.38
N PRO A 224 9.50 19.63 10.48
CA PRO A 224 9.54 21.06 10.20
C PRO A 224 9.20 21.93 11.41
N TYR A 225 8.31 21.47 12.28
CA TYR A 225 7.98 22.26 13.47
C TYR A 225 9.20 22.40 14.36
N VAL A 226 9.85 21.27 14.65
CA VAL A 226 11.04 21.29 15.49
C VAL A 226 12.14 22.16 14.87
N TYR A 227 12.38 21.96 13.58
CA TYR A 227 13.40 22.73 12.87
C TYR A 227 13.12 24.23 12.92
N ASN A 228 11.87 24.62 12.69
CA ASN A 228 11.50 26.03 12.67
C ASN A 228 11.44 26.65 14.06
N ARG A 229 11.03 25.86 15.04
CA ARG A 229 10.99 26.34 16.42
C ARG A 229 12.41 26.63 16.89
N ILE A 230 13.30 25.67 16.68
CA ILE A 230 14.71 25.83 17.03
C ILE A 230 15.35 26.96 16.21
N LYS A 231 14.94 27.08 14.96
CA LYS A 231 15.42 28.16 14.09
C LYS A 231 14.97 29.53 14.60
N ASN A 232 13.70 29.64 14.97
CA ASN A 232 13.15 30.88 15.48
C ASN A 232 13.81 31.30 16.80
N ILE A 233 14.02 30.32 17.68
CA ILE A 233 14.52 30.60 19.02
C ILE A 233 16.04 30.76 19.09
N PHE A 234 16.78 29.82 18.51
CA PHE A 234 18.23 29.84 18.62
C PHE A 234 18.95 30.34 17.35
N GLY A 235 18.21 30.46 16.25
CA GLY A 235 18.83 30.87 15.00
C GLY A 235 19.08 29.69 14.08
N GLU A 236 19.26 29.98 12.80
CA GLU A 236 19.36 28.93 11.78
C GLU A 236 20.57 28.02 11.97
N SER A 237 21.65 28.57 12.52
CA SER A 237 22.90 27.82 12.64
C SER A 237 22.82 26.63 13.60
N THR A 238 22.07 26.78 14.69
CA THR A 238 21.88 25.70 15.64
C THR A 238 20.79 24.75 15.16
N ALA A 239 19.85 25.28 14.39
CA ALA A 239 18.77 24.48 13.83
C ALA A 239 19.36 23.47 12.87
N LYS A 240 20.47 23.84 12.26
CA LYS A 240 21.17 22.97 11.31
C LYS A 240 21.88 21.80 12.01
N ARG A 241 21.95 21.84 13.33
CA ARG A 241 22.53 20.74 14.10
C ARG A 241 21.67 19.49 13.97
N LEU A 242 20.44 19.67 13.48
CA LEU A 242 19.55 18.54 13.20
C LEU A 242 20.08 17.70 12.04
N SER A 243 20.98 18.28 11.27
CA SER A 243 21.66 17.56 10.20
C SER A 243 23.10 17.24 10.61
N PRO A 244 23.50 15.96 10.51
CA PRO A 244 24.86 15.54 10.88
C PRO A 244 25.91 16.22 10.01
N HIS A 245 25.49 16.78 8.87
CA HIS A 245 26.39 17.50 7.98
C HIS A 245 26.09 18.99 8.02
N ARG A 246 25.29 19.40 9.01
CA ARG A 246 24.95 20.81 9.22
C ARG A 246 24.39 21.50 7.97
N LYS A 247 23.75 20.72 7.10
CA LYS A 247 23.07 21.29 5.94
C LYS A 247 21.61 20.87 5.88
N THR A 248 20.74 21.86 5.74
CA THR A 248 19.32 21.59 5.57
C THR A 248 18.82 22.32 4.33
N ARG A 249 17.65 21.92 3.85
CA ARG A 249 17.06 22.58 2.70
C ARG A 249 15.57 22.81 2.93
N VAL A 250 15.16 24.07 2.91
CA VAL A 250 13.75 24.40 3.10
C VAL A 250 13.04 24.48 1.75
N LYS A 251 12.30 23.43 1.43
CA LYS A 251 11.48 23.42 0.22
C LYS A 251 10.09 24.00 0.54
N VAL A 252 9.75 25.09 -0.13
CA VAL A 252 8.51 25.81 0.17
C VAL A 252 7.42 25.64 -0.89
N ILE A 253 6.18 25.47 -0.44
CA ILE A 253 5.03 25.36 -1.33
C ILE A 253 3.81 26.07 -0.73
N GLU A 254 3.80 27.39 -0.81
CA GLU A 254 2.75 28.22 -0.23
C GLU A 254 1.37 27.96 -0.84
N SER A 259 1.79 29.33 3.87
CA SER A 259 3.04 28.77 3.38
C SER A 259 3.27 27.36 3.93
N ARG A 260 3.72 26.47 3.07
CA ARG A 260 4.02 25.10 3.48
C ARG A 260 5.51 24.80 3.29
N GLU A 261 6.09 24.05 4.21
CA GLU A 261 7.52 23.77 4.17
C GLU A 261 7.84 22.31 4.47
N ILE A 262 8.64 21.70 3.60
CA ILE A 262 9.22 20.39 3.90
C ILE A 262 10.73 20.54 4.01
N ILE A 263 11.24 20.40 5.24
CA ILE A 263 12.66 20.56 5.49
C ILE A 263 13.40 19.28 5.15
N THR A 264 14.48 19.42 4.39
CA THR A 264 15.32 18.29 4.06
C THR A 264 16.58 18.30 4.94
N LEU A 265 16.70 17.30 5.80
CA LEU A 265 17.86 17.17 6.66
C LEU A 265 18.89 16.28 5.99
N PHE A 266 19.93 16.88 5.42
CA PHE A 266 20.97 16.11 4.77
C PHE A 266 21.66 15.20 5.78
N GLY A 267 21.88 13.95 5.38
CA GLY A 267 22.54 12.99 6.24
C GLY A 267 21.56 12.16 7.03
N ILE A 268 20.28 12.44 6.86
CA ILE A 268 19.22 11.68 7.50
C ILE A 268 18.21 11.20 6.47
N SER A 269 17.80 9.93 6.58
CA SER A 269 16.79 9.37 5.71
C SER A 269 15.45 9.33 6.43
N VAL A 270 14.59 10.29 6.09
CA VAL A 270 13.28 10.38 6.72
C VAL A 270 12.26 9.48 6.01
N LEU A 271 11.72 8.51 6.76
CA LEU A 271 10.66 7.65 6.28
C LEU A 271 9.42 7.85 7.13
N ASP A 272 8.71 8.94 6.89
CA ASP A 272 7.46 9.22 7.59
C ASP A 272 6.56 8.00 7.47
N TYR A 273 6.09 7.47 8.60
CA TYR A 273 5.37 6.21 8.55
C TYR A 273 4.01 6.32 7.86
N ILE A 274 3.43 7.51 7.87
CA ILE A 274 2.16 7.71 7.17
C ILE A 274 2.36 7.52 5.67
N ASP A 275 3.53 7.91 5.16
CA ASP A 275 3.86 7.73 3.75
C ASP A 275 4.17 6.27 3.44
N LEU A 276 4.90 5.61 4.35
CA LEU A 276 5.16 4.18 4.22
C LEU A 276 3.85 3.42 4.20
N TYR A 277 2.95 3.81 5.10
CA TYR A 277 1.67 3.13 5.21
C TYR A 277 0.83 3.32 3.95
N LYS A 278 0.73 4.56 3.48
CA LYS A 278 -0.08 4.84 2.30
C LYS A 278 0.41 4.14 1.04
N LYS A 279 1.72 3.91 0.96
CA LYS A 279 2.31 3.29 -0.22
C LYS A 279 2.35 1.76 -0.15
N PHE A 280 2.54 1.21 1.05
CA PHE A 280 2.82 -0.22 1.19
C PHE A 280 1.73 -1.05 1.87
N SER A 281 0.73 -0.39 2.45
CA SER A 281 -0.30 -1.12 3.21
C SER A 281 -1.44 -1.63 2.33
N PHE A 282 -1.60 -1.01 1.17
CA PHE A 282 -2.67 -1.37 0.24
C PHE A 282 -4.04 -1.31 0.91
N THR A 283 -4.24 -0.21 1.62
CA THR A 283 -5.52 0.11 2.22
C THR A 283 -5.91 1.49 1.74
N ASN A 284 -7.18 1.82 1.87
CA ASN A 284 -7.63 3.19 1.69
C ASN A 284 -8.50 3.53 2.89
N GLN A 285 -7.96 4.36 3.78
CA GLN A 285 -8.61 4.60 5.05
C GLN A 285 -9.46 5.87 5.04
N PRO A 286 -10.60 5.84 5.75
CA PRO A 286 -11.46 7.02 5.86
C PRO A 286 -10.75 8.13 6.64
N SER A 287 -9.78 7.75 7.47
CA SER A 287 -8.99 8.71 8.23
C SER A 287 -7.57 8.21 8.40
N TYR A 288 -6.62 9.15 8.52
CA TYR A 288 -5.24 8.78 8.74
C TYR A 288 -4.64 9.36 10.02
N SER A 289 -5.51 9.60 11.01
CA SER A 289 -5.03 9.93 12.33
C SER A 289 -4.41 8.67 12.90
N LEU A 290 -3.36 8.84 13.70
CA LEU A 290 -2.68 7.71 14.32
C LEU A 290 -3.65 6.90 15.17
N ASP A 291 -4.60 7.61 15.77
CA ASP A 291 -5.65 6.99 16.58
C ASP A 291 -6.41 5.97 15.74
N TYR A 292 -6.93 6.43 14.61
CA TYR A 292 -7.73 5.60 13.73
C TYR A 292 -6.96 4.41 13.17
N ILE A 293 -5.72 4.65 12.73
CA ILE A 293 -4.90 3.60 12.14
C ILE A 293 -4.50 2.54 13.17
N SER A 294 -4.15 2.98 14.37
CA SER A 294 -3.80 2.07 15.46
C SER A 294 -4.96 1.16 15.79
N GLU A 295 -6.16 1.73 15.89
CA GLU A 295 -7.36 0.95 16.16
C GLU A 295 -7.53 -0.08 15.06
N PHE A 296 -7.26 0.32 13.82
CA PHE A 296 -7.42 -0.56 12.67
C PHE A 296 -6.35 -1.65 12.63
N GLU A 297 -5.09 -1.28 12.89
CA GLU A 297 -3.97 -2.20 12.76
C GLU A 297 -3.79 -3.10 13.98
N LEU A 298 -4.07 -2.57 15.16
CA LEU A 298 -3.71 -3.22 16.41
C LEU A 298 -4.91 -3.59 17.27
N ASN A 299 -6.08 -3.12 16.85
N ASN A 299 -6.10 -3.16 16.85
CA ASN A 299 -7.32 -3.35 17.59
CA ASN A 299 -7.33 -3.39 17.62
C ASN A 299 -7.25 -2.85 19.03
C ASN A 299 -7.21 -2.87 19.05
N VAL A 300 -6.54 -1.73 19.21
CA VAL A 300 -6.45 -1.09 20.51
C VAL A 300 -7.53 -0.02 20.60
N GLY A 301 -7.94 0.32 21.81
CA GLY A 301 -8.99 1.31 22.00
C GLY A 301 -8.52 2.70 21.63
N LYS A 302 -9.48 3.59 21.36
CA LYS A 302 -9.18 4.99 21.12
C LYS A 302 -8.68 5.63 22.42
N LEU A 303 -7.67 6.48 22.31
CA LEU A 303 -7.11 7.16 23.47
C LEU A 303 -8.11 8.15 24.05
N LYS A 304 -8.82 7.73 25.09
CA LYS A 304 -9.90 8.53 25.68
C LYS A 304 -9.37 9.65 26.58
N TYR A 305 -9.75 10.90 26.26
CA TYR A 305 -9.53 12.02 27.17
C TYR A 305 -10.70 13.01 27.12
N ASP A 306 -10.96 13.65 28.25
CA ASP A 306 -12.20 14.41 28.43
C ASP A 306 -12.32 15.67 27.56
N GLY A 307 -11.52 16.69 27.88
CA GLY A 307 -11.62 17.95 27.17
C GLY A 307 -11.04 17.93 25.77
N PRO A 308 -10.81 19.12 25.19
CA PRO A 308 -10.16 19.29 23.89
C PRO A 308 -8.65 19.16 24.01
N ILE A 309 -7.98 18.76 22.92
CA ILE A 309 -6.53 18.58 22.92
C ILE A 309 -5.79 19.88 23.29
N SER A 310 -6.38 21.01 22.93
CA SER A 310 -5.78 22.31 23.21
C SER A 310 -5.76 22.65 24.71
N LYS A 311 -6.41 21.82 25.51
CA LYS A 311 -6.44 22.02 26.95
C LYS A 311 -5.95 20.79 27.71
N LEU A 312 -5.68 19.71 26.97
CA LEU A 312 -5.28 18.44 27.58
C LEU A 312 -4.08 18.56 28.51
N ARG A 313 -3.10 19.35 28.10
CA ARG A 313 -1.90 19.54 28.91
C ARG A 313 -2.22 20.27 30.21
N GLU A 314 -3.03 21.32 30.11
CA GLU A 314 -3.40 22.11 31.27
C GLU A 314 -4.19 21.28 32.28
N SER A 315 -5.18 20.55 31.78
CA SER A 315 -6.08 19.79 32.64
C SER A 315 -5.48 18.48 33.13
N ASN A 316 -4.96 17.69 32.20
CA ASN A 316 -4.39 16.39 32.53
C ASN A 316 -3.02 16.18 31.89
N HIS A 317 -2.02 16.88 32.41
CA HIS A 317 -0.67 16.78 31.90
C HIS A 317 -0.13 15.35 32.01
N GLN A 318 -0.56 14.66 33.05
CA GLN A 318 -0.16 13.27 33.27
C GLN A 318 -0.52 12.41 32.04
N ARG A 319 -1.75 12.54 31.59
CA ARG A 319 -2.24 11.78 30.44
C ARG A 319 -1.67 12.31 29.12
N TYR A 320 -1.45 13.63 29.08
CA TYR A 320 -0.88 14.30 27.92
C TYR A 320 0.47 13.67 27.56
N ILE A 321 1.35 13.57 28.55
CA ILE A 321 2.66 12.98 28.37
C ILE A 321 2.56 11.48 28.08
N SER A 322 1.70 10.79 28.83
CA SER A 322 1.49 9.37 28.62
C SER A 322 1.02 9.07 27.20
N TYR A 323 0.05 9.84 26.71
CA TYR A 323 -0.46 9.63 25.36
C TYR A 323 0.60 9.90 24.31
N ASN A 324 1.48 10.86 24.60
CA ASN A 324 2.60 11.14 23.70
C ASN A 324 3.56 9.96 23.59
N ILE A 325 3.84 9.34 24.73
CA ILE A 325 4.69 8.15 24.75
C ILE A 325 4.03 7.01 23.98
N ILE A 326 2.74 6.78 24.24
CA ILE A 326 1.98 5.73 23.57
C ILE A 326 1.94 5.92 22.05
N ALA A 327 1.77 7.17 21.60
CA ALA A 327 1.72 7.48 20.18
C ALA A 327 3.00 7.06 19.45
N VAL A 328 4.14 7.21 20.12
CA VAL A 328 5.40 6.75 19.57
C VAL A 328 5.40 5.22 19.54
N TYR A 329 4.98 4.61 20.64
CA TYR A 329 4.94 3.16 20.75
C TYR A 329 3.97 2.51 19.76
N ARG A 330 2.86 3.19 19.50
N ARG A 330 2.84 3.18 19.51
CA ARG A 330 1.87 2.64 18.57
CA ARG A 330 1.85 2.68 18.57
C ARG A 330 2.42 2.50 17.15
C ARG A 330 2.45 2.48 17.18
N VAL A 331 3.26 3.44 16.73
CA VAL A 331 3.90 3.35 15.42
C VAL A 331 4.86 2.17 15.38
N LEU A 332 5.63 1.99 16.45
CA LEU A 332 6.53 0.86 16.58
C LEU A 332 5.76 -0.45 16.51
N GLN A 333 4.60 -0.49 17.15
CA GLN A 333 3.75 -1.67 17.15
C GLN A 333 3.21 -1.94 15.76
N ILE A 334 2.75 -0.90 15.10
CA ILE A 334 2.29 -1.01 13.73
C ILE A 334 3.42 -1.53 12.85
N ASP A 335 4.62 -0.98 13.04
CA ASP A 335 5.77 -1.42 12.24
C ASP A 335 6.17 -2.85 12.56
N ALA A 336 6.01 -3.26 13.82
CA ALA A 336 6.32 -4.63 14.19
C ALA A 336 5.39 -5.59 13.46
N LYS A 337 4.16 -5.14 13.20
CA LYS A 337 3.20 -5.94 12.44
C LYS A 337 3.44 -5.83 10.94
N ARG A 338 3.46 -4.61 10.42
CA ARG A 338 3.55 -4.38 8.98
C ARG A 338 4.97 -4.52 8.42
N GLN A 339 5.97 -4.14 9.22
CA GLN A 339 7.38 -4.27 8.84
C GLN A 339 7.76 -3.50 7.58
N PHE A 340 7.36 -2.24 7.52
CA PHE A 340 7.66 -1.38 6.37
C PHE A 340 9.07 -0.83 6.44
N ILE A 341 9.59 -0.63 7.67
CA ILE A 341 10.96 -0.19 7.83
C ILE A 341 11.91 -1.25 7.28
N ASN A 342 11.73 -2.49 7.73
CA ASN A 342 12.46 -3.62 7.19
C ASN A 342 12.37 -3.70 5.68
N LEU A 343 11.17 -3.48 5.14
CA LEU A 343 10.96 -3.48 3.69
C LEU A 343 11.81 -2.40 3.02
N SER A 344 11.79 -1.20 3.59
CA SER A 344 12.55 -0.08 3.04
C SER A 344 14.06 -0.33 3.07
N LEU A 345 14.52 -1.01 4.11
CA LEU A 345 15.94 -1.33 4.23
C LEU A 345 16.34 -2.38 3.21
N ASP A 346 15.51 -3.42 3.09
CA ASP A 346 15.74 -4.46 2.08
C ASP A 346 15.84 -3.87 0.70
N MET A 347 14.76 -3.23 0.26
CA MET A 347 14.69 -2.60 -1.05
C MET A 347 15.82 -1.61 -1.25
N GLY A 348 16.06 -0.77 -0.25
CA GLY A 348 17.06 0.27 -0.34
C GLY A 348 18.46 -0.25 -0.56
N TYR A 349 18.86 -1.20 0.27
CA TYR A 349 20.19 -1.79 0.17
C TYR A 349 20.34 -2.69 -1.04
N TYR A 350 19.22 -3.24 -1.51
CA TYR A 350 19.21 -4.04 -2.72
C TYR A 350 19.49 -3.17 -3.94
N ALA A 351 18.84 -2.00 -4.00
CA ALA A 351 18.97 -1.10 -5.14
C ALA A 351 20.23 -0.27 -5.07
N LYS A 352 20.81 -0.17 -3.88
CA LYS A 352 21.92 0.75 -3.60
C LYS A 352 21.49 2.20 -3.86
N ILE A 353 20.50 2.65 -3.08
CA ILE A 353 19.98 4.00 -3.13
C ILE A 353 19.90 4.56 -1.72
N GLN A 354 19.61 5.86 -1.62
CA GLN A 354 19.21 6.45 -0.36
C GLN A 354 17.95 5.71 0.09
N ILE A 355 17.88 5.37 1.37
CA ILE A 355 16.75 4.58 1.86
C ILE A 355 15.41 5.25 1.55
N GLN A 356 15.36 6.57 1.66
CA GLN A 356 14.12 7.30 1.40
C GLN A 356 13.65 7.20 -0.06
N SER A 357 14.54 6.76 -0.94
CA SER A 357 14.19 6.63 -2.36
C SER A 357 13.32 5.42 -2.66
N VAL A 358 12.99 4.65 -1.63
CA VAL A 358 12.08 3.52 -1.82
C VAL A 358 10.68 4.00 -2.19
N PHE A 359 10.40 5.28 -1.98
CA PHE A 359 9.14 5.87 -2.40
C PHE A 359 9.12 6.11 -3.90
N SER A 360 10.29 6.00 -4.53
CA SER A 360 10.38 6.19 -5.98
C SER A 360 10.86 4.92 -6.67
N PRO A 361 9.93 4.16 -7.25
CA PRO A 361 10.28 2.96 -8.01
C PRO A 361 11.17 3.29 -9.21
N ILE A 362 10.96 4.46 -9.80
CA ILE A 362 11.80 4.87 -10.92
C ILE A 362 13.25 5.06 -10.48
N LYS A 363 13.44 5.79 -9.39
CA LYS A 363 14.77 5.96 -8.81
C LYS A 363 15.34 4.61 -8.39
N THR A 364 14.49 3.81 -7.76
CA THR A 364 14.86 2.47 -7.32
C THR A 364 15.34 1.63 -8.49
N TRP A 365 14.58 1.63 -9.58
CA TRP A 365 14.93 0.82 -10.74
C TRP A 365 16.10 1.38 -11.54
N ASP A 366 16.18 2.70 -11.63
CA ASP A 366 17.29 3.34 -12.31
C ASP A 366 18.61 2.88 -11.71
N ALA A 367 18.63 2.75 -10.38
CA ALA A 367 19.85 2.33 -9.68
C ALA A 367 20.13 0.83 -9.82
N ILE A 368 19.07 0.02 -9.78
CA ILE A 368 19.20 -1.42 -9.93
C ILE A 368 19.75 -1.74 -11.32
N ILE A 369 19.13 -1.16 -12.33
CA ILE A 369 19.54 -1.36 -13.71
C ILE A 369 20.94 -0.81 -13.94
N PHE A 370 21.22 0.37 -13.38
CA PHE A 370 22.53 0.98 -13.50
C PHE A 370 23.61 0.08 -12.90
N ASN A 371 23.40 -0.38 -11.68
CA ASN A 371 24.37 -1.27 -11.04
C ASN A 371 24.55 -2.57 -11.83
N SER A 372 23.46 -3.08 -12.38
CA SER A 372 23.50 -4.32 -13.16
C SER A 372 24.32 -4.13 -14.44
N LEU A 373 24.19 -2.95 -15.05
CA LEU A 373 24.91 -2.65 -16.28
C LEU A 373 26.37 -2.31 -16.01
N LYS A 374 26.63 -1.63 -14.90
CA LYS A 374 27.99 -1.30 -14.50
C LYS A 374 28.81 -2.57 -14.28
N GLU A 375 28.12 -3.63 -13.88
CA GLU A 375 28.75 -4.94 -13.68
C GLU A 375 29.43 -5.45 -14.95
N GLN A 376 28.79 -5.19 -16.10
CA GLN A 376 29.29 -5.69 -17.37
C GLN A 376 30.06 -4.60 -18.13
N ASN A 377 30.56 -3.61 -17.40
CA ASN A 377 31.25 -2.47 -17.98
C ASN A 377 30.42 -1.76 -19.06
N LYS A 378 29.11 -1.77 -18.88
CA LYS A 378 28.20 -1.15 -19.82
C LYS A 378 27.77 0.23 -19.34
N VAL A 379 27.41 1.09 -20.29
CA VAL A 379 27.14 2.48 -20.00
C VAL A 379 25.66 2.82 -20.22
N ILE A 380 25.02 3.38 -19.21
CA ILE A 380 23.60 3.70 -19.28
C ILE A 380 23.35 4.91 -20.18
N PRO A 381 22.19 4.94 -20.86
CA PRO A 381 21.87 6.05 -21.75
C PRO A 381 21.51 7.31 -20.98
N GLN A 382 21.65 8.48 -21.60
CA GLN A 382 21.25 9.72 -20.97
C GLN A 382 19.73 9.80 -20.89
N GLY A 383 19.22 10.35 -19.79
CA GLY A 383 17.79 10.58 -19.67
C GLY A 383 17.39 11.61 -20.70
N ARG A 384 16.24 11.39 -21.33
CA ARG A 384 15.77 12.31 -22.36
C ARG A 384 14.41 12.89 -22.01
N SER A 385 14.05 13.97 -22.69
CA SER A 385 12.76 14.60 -22.50
C SER A 385 11.77 13.97 -23.46
N HIS A 386 10.58 13.65 -22.98
CA HIS A 386 9.53 13.08 -23.81
C HIS A 386 8.18 13.69 -23.47
N PRO A 387 7.34 13.92 -24.49
CA PRO A 387 5.97 14.37 -24.24
C PRO A 387 5.13 13.23 -23.69
N VAL A 388 4.22 13.52 -22.77
CA VAL A 388 3.34 12.50 -22.22
C VAL A 388 2.30 12.09 -23.25
N GLN A 389 2.15 10.79 -23.44
CA GLN A 389 1.14 10.27 -24.37
C GLN A 389 0.34 9.17 -23.69
N PRO A 390 -0.98 9.14 -23.95
CA PRO A 390 -1.81 8.02 -23.52
C PRO A 390 -1.39 6.78 -24.28
N TYR A 391 -1.69 5.61 -23.73
CA TYR A 391 -1.41 4.36 -24.42
C TYR A 391 -2.31 3.27 -23.83
N PRO A 392 -2.65 2.25 -24.62
CA PRO A 392 -3.63 1.27 -24.16
C PRO A 392 -3.15 0.39 -23.02
N GLY A 393 -4.08 -0.04 -22.17
CA GLY A 393 -3.76 -0.91 -21.06
C GLY A 393 -4.39 -2.29 -21.21
N ALA A 394 -5.01 -2.75 -20.12
CA ALA A 394 -5.55 -4.11 -20.07
C ALA A 394 -6.92 -4.22 -20.70
N PHE A 395 -7.36 -5.46 -20.91
CA PHE A 395 -8.71 -5.71 -21.36
C PHE A 395 -9.58 -6.16 -20.19
N VAL A 396 -10.79 -5.62 -20.13
CA VAL A 396 -11.75 -6.04 -19.13
C VAL A 396 -13.03 -6.47 -19.84
N LYS A 397 -13.45 -7.70 -19.59
CA LYS A 397 -14.66 -8.21 -20.23
C LYS A 397 -15.89 -7.54 -19.64
N GLU A 398 -16.91 -7.36 -20.47
CA GLU A 398 -18.19 -6.84 -19.99
C GLU A 398 -19.07 -8.01 -19.56
N PRO A 399 -19.23 -8.19 -18.25
CA PRO A 399 -19.97 -9.36 -17.78
C PRO A 399 -21.47 -9.15 -17.91
N ILE A 400 -22.20 -10.23 -18.15
CA ILE A 400 -23.65 -10.18 -18.13
C ILE A 400 -24.11 -10.08 -16.68
N PRO A 401 -24.73 -8.95 -16.32
CA PRO A 401 -25.20 -8.72 -14.95
C PRO A 401 -26.16 -9.83 -14.53
N ASN A 402 -25.75 -10.63 -13.55
CA ASN A 402 -26.54 -11.79 -13.15
C ASN A 402 -25.98 -12.43 -11.89
N ARG A 403 -26.72 -13.39 -11.33
CA ARG A 403 -26.19 -14.23 -10.28
C ARG A 403 -25.36 -15.34 -10.92
N TYR A 404 -24.43 -15.90 -10.15
CA TYR A 404 -23.60 -17.00 -10.64
C TYR A 404 -23.33 -18.00 -9.53
N LYS A 405 -24.05 -19.12 -9.58
CA LYS A 405 -24.02 -20.11 -8.51
C LYS A 405 -22.63 -20.68 -8.27
N TYR A 406 -22.07 -21.36 -9.27
CA TYR A 406 -20.75 -21.94 -9.14
C TYR A 406 -19.72 -21.20 -9.99
N VAL A 407 -18.63 -20.79 -9.36
CA VAL A 407 -17.59 -20.01 -10.05
C VAL A 407 -16.17 -20.44 -9.66
N MET A 408 -15.34 -20.70 -10.67
CA MET A 408 -13.91 -20.91 -10.45
C MET A 408 -13.15 -19.81 -11.15
N SER A 409 -12.14 -19.26 -10.47
CA SER A 409 -11.33 -18.21 -11.07
C SER A 409 -9.92 -18.70 -11.35
N PHE A 410 -9.30 -18.10 -12.36
CA PHE A 410 -7.92 -18.40 -12.72
C PHE A 410 -7.17 -17.11 -12.98
N ASP A 411 -5.98 -17.01 -12.42
CA ASP A 411 -5.21 -15.78 -12.50
C ASP A 411 -3.77 -16.08 -12.86
N LEU A 412 -3.19 -15.23 -13.71
CA LEU A 412 -1.82 -15.41 -14.16
C LEU A 412 -0.82 -14.90 -13.13
N THR A 413 0.22 -15.70 -12.89
CA THR A 413 1.26 -15.33 -11.94
C THR A 413 2.08 -14.15 -12.44
N SER A 414 2.08 -13.06 -11.67
CA SER A 414 2.88 -11.86 -11.94
C SER A 414 2.87 -11.46 -13.42
N PHE A 415 1.67 -11.15 -13.90
CA PHE A 415 1.37 -11.05 -15.34
C PHE A 415 2.33 -10.23 -16.18
N TYR A 416 2.37 -8.92 -15.95
CA TYR A 416 3.20 -8.03 -16.75
C TYR A 416 4.70 -8.32 -16.62
N PRO A 417 5.19 -8.57 -15.40
CA PRO A 417 6.59 -8.99 -15.34
C PRO A 417 6.85 -10.28 -16.11
N SER A 418 5.90 -11.22 -16.05
CA SER A 418 6.07 -12.49 -16.76
C SER A 418 6.07 -12.26 -18.27
N ILE A 419 5.22 -11.34 -18.72
CA ILE A 419 5.20 -10.95 -20.13
C ILE A 419 6.56 -10.38 -20.53
N ILE A 420 7.13 -9.54 -19.67
CA ILE A 420 8.45 -8.96 -19.91
C ILE A 420 9.52 -10.02 -20.07
N ARG A 421 9.58 -10.96 -19.13
CA ARG A 421 10.56 -12.02 -19.18
C ARG A 421 10.32 -12.95 -20.37
N GLN A 422 9.06 -13.26 -20.65
CA GLN A 422 8.71 -14.17 -21.72
C GLN A 422 9.09 -13.63 -23.10
N VAL A 423 8.64 -12.42 -23.41
CA VAL A 423 8.91 -11.79 -24.69
C VAL A 423 10.35 -11.26 -24.75
N ASN A 424 10.97 -11.13 -23.58
CA ASN A 424 12.31 -10.55 -23.43
C ASN A 424 12.31 -9.07 -23.80
N ILE A 425 11.41 -8.33 -23.17
CA ILE A 425 11.24 -6.90 -23.44
C ILE A 425 12.24 -6.08 -22.64
N SER A 426 13.01 -5.26 -23.34
CA SER A 426 14.09 -4.49 -22.74
C SER A 426 14.49 -3.42 -23.73
N PRO A 427 15.07 -2.30 -23.23
CA PRO A 427 15.50 -1.24 -24.16
C PRO A 427 16.50 -1.74 -25.20
N GLU A 428 17.37 -2.66 -24.83
CA GLU A 428 18.46 -3.08 -25.70
C GLU A 428 18.20 -4.40 -26.43
N THR A 429 17.01 -4.97 -26.25
CA THR A 429 16.69 -6.24 -26.90
C THR A 429 15.70 -6.06 -28.04
N ILE A 430 15.38 -4.80 -28.36
CA ILE A 430 14.53 -4.49 -29.50
C ILE A 430 15.19 -4.95 -30.80
N ALA A 431 14.55 -5.88 -31.49
CA ALA A 431 15.11 -6.45 -32.71
C ALA A 431 14.61 -5.73 -33.95
N GLY A 432 13.36 -5.29 -33.90
CA GLY A 432 12.76 -4.62 -35.03
C GLY A 432 11.25 -4.62 -34.93
N THR A 433 10.59 -4.59 -36.08
CA THR A 433 9.15 -4.47 -36.10
C THR A 433 8.51 -5.34 -37.19
N PHE A 434 7.22 -5.65 -37.01
CA PHE A 434 6.47 -6.36 -38.03
C PHE A 434 5.13 -5.70 -38.29
N LYS A 435 4.51 -6.00 -39.43
CA LYS A 435 3.21 -5.44 -39.76
C LYS A 435 2.11 -6.12 -38.96
N VAL A 436 1.37 -5.34 -38.17
CA VAL A 436 0.35 -5.90 -37.29
C VAL A 436 -0.98 -6.16 -37.99
N ALA A 437 -1.65 -7.22 -37.56
CA ALA A 437 -3.02 -7.47 -37.95
C ALA A 437 -3.89 -6.98 -36.80
N PRO A 438 -5.21 -6.83 -37.03
CA PRO A 438 -6.10 -6.52 -35.91
C PRO A 438 -5.87 -7.48 -34.76
N LEU A 439 -6.00 -7.00 -33.53
CA LEU A 439 -5.66 -7.79 -32.34
C LEU A 439 -6.42 -9.11 -32.28
N HIS A 440 -7.66 -9.11 -32.74
CA HIS A 440 -8.48 -10.32 -32.66
C HIS A 440 -8.02 -11.41 -33.62
N ASP A 441 -7.26 -11.03 -34.64
CA ASP A 441 -6.67 -12.01 -35.54
C ASP A 441 -5.62 -12.84 -34.80
N TYR A 442 -4.85 -12.22 -33.93
CA TYR A 442 -3.90 -12.95 -33.11
C TYR A 442 -4.61 -13.74 -32.02
N ILE A 443 -5.65 -13.15 -31.46
CA ILE A 443 -6.46 -13.82 -30.44
C ILE A 443 -7.06 -15.12 -30.98
N ASN A 444 -7.50 -15.09 -32.23
CA ASN A 444 -8.12 -16.24 -32.87
C ASN A 444 -7.16 -17.08 -33.72
N ALA A 445 -5.85 -16.89 -33.51
CA ALA A 445 -4.81 -17.62 -34.23
C ALA A 445 -4.98 -17.55 -35.76
N VAL A 446 -5.57 -16.45 -36.23
CA VAL A 446 -5.87 -16.27 -37.64
C VAL A 446 -4.74 -15.53 -38.35
N ALA A 447 -4.18 -14.54 -37.68
CA ALA A 447 -3.12 -13.71 -38.24
C ALA A 447 -1.86 -14.52 -38.56
N GLU A 448 -1.11 -14.03 -39.54
CA GLU A 448 0.19 -14.58 -39.88
C GLU A 448 1.12 -14.51 -38.66
N ARG A 449 1.89 -15.58 -38.44
CA ARG A 449 2.88 -15.61 -37.38
C ARG A 449 3.87 -14.46 -37.55
N PRO A 450 3.93 -13.56 -36.57
CA PRO A 450 4.73 -12.32 -36.63
C PRO A 450 6.19 -12.56 -37.06
N SER A 451 6.90 -13.41 -36.35
CA SER A 451 8.29 -13.68 -36.69
C SER A 451 8.72 -15.13 -36.54
N ASP A 452 9.69 -15.51 -37.35
CA ASP A 452 10.23 -16.85 -37.37
C ASP A 452 11.50 -16.88 -36.54
N VAL A 453 11.98 -15.68 -36.22
CA VAL A 453 13.32 -15.50 -35.67
C VAL A 453 13.28 -14.77 -34.34
N TYR A 454 12.46 -13.73 -34.25
CA TYR A 454 12.42 -12.90 -33.05
C TYR A 454 11.21 -13.15 -32.17
N SER A 455 11.31 -12.72 -30.91
CA SER A 455 10.22 -12.84 -29.96
C SER A 455 9.30 -11.63 -30.09
N CYS A 456 7.99 -11.86 -30.11
CA CYS A 456 7.05 -10.83 -30.53
C CYS A 456 5.90 -10.53 -29.57
N SER A 457 5.44 -9.28 -29.64
CA SER A 457 4.20 -8.86 -29.03
C SER A 457 3.27 -8.42 -30.16
N PRO A 458 1.97 -8.67 -30.02
CA PRO A 458 1.00 -8.31 -31.07
C PRO A 458 0.85 -6.80 -31.30
N ASN A 459 1.69 -5.98 -30.66
CA ASN A 459 1.71 -4.55 -30.93
C ASN A 459 2.63 -4.19 -32.09
N GLY A 460 3.41 -5.15 -32.56
CA GLY A 460 4.30 -4.93 -33.69
C GLY A 460 5.77 -5.01 -33.36
N MET A 461 6.10 -5.18 -32.08
CA MET A 461 7.48 -5.21 -31.65
C MET A 461 8.10 -6.59 -31.76
N MET A 462 9.39 -6.62 -32.10
CA MET A 462 10.15 -7.86 -32.15
C MET A 462 11.39 -7.72 -31.28
N TYR A 463 11.74 -8.79 -30.58
CA TYR A 463 12.87 -8.76 -29.66
C TYR A 463 13.79 -9.95 -29.89
N TYR A 464 15.07 -9.77 -29.59
CA TYR A 464 16.03 -10.85 -29.70
C TYR A 464 15.74 -11.93 -28.66
N LYS A 465 15.77 -13.18 -29.08
CA LYS A 465 15.48 -14.29 -28.19
C LYS A 465 16.73 -14.80 -27.47
N ASP A 466 17.87 -14.66 -28.13
N ASP A 466 17.86 -14.66 -28.14
CA ASP A 466 19.11 -15.20 -27.60
CA ASP A 466 19.12 -15.17 -27.63
C ASP A 466 19.65 -14.41 -26.40
C ASP A 466 19.62 -14.40 -26.41
N ARG A 467 20.01 -13.15 -26.64
CA ARG A 467 20.59 -12.31 -25.60
C ARG A 467 19.66 -12.02 -24.42
N ASP A 468 20.26 -11.86 -23.24
CA ASP A 468 19.50 -11.52 -22.04
C ASP A 468 19.28 -10.03 -21.96
N GLY A 469 18.09 -9.62 -21.55
CA GLY A 469 17.78 -8.21 -21.38
C GLY A 469 17.95 -7.78 -19.94
N VAL A 470 18.48 -6.58 -19.74
CA VAL A 470 18.72 -6.10 -18.39
C VAL A 470 17.40 -5.90 -17.63
N VAL A 471 16.34 -5.52 -18.33
CA VAL A 471 15.03 -5.41 -17.70
C VAL A 471 14.47 -6.79 -17.30
N PRO A 472 14.42 -7.76 -18.24
CA PRO A 472 13.99 -9.09 -17.79
C PRO A 472 14.90 -9.67 -16.72
N THR A 473 16.20 -9.46 -16.85
CA THR A 473 17.17 -10.00 -15.90
C THR A 473 16.92 -9.52 -14.47
N GLU A 474 16.79 -8.21 -14.30
CA GLU A 474 16.64 -7.64 -12.96
C GLU A 474 15.21 -7.78 -12.42
N ILE A 475 14.23 -7.85 -13.31
CA ILE A 475 12.85 -8.01 -12.87
C ILE A 475 12.65 -9.46 -12.41
N THR A 476 13.45 -10.36 -12.94
CA THR A 476 13.39 -11.77 -12.57
C THR A 476 13.96 -11.97 -11.17
N LYS A 477 15.08 -11.30 -10.86
CA LYS A 477 15.69 -11.39 -9.54
C LYS A 477 14.71 -10.98 -8.44
N VAL A 478 14.08 -9.82 -8.61
CA VAL A 478 13.13 -9.34 -7.61
C VAL A 478 11.90 -10.22 -7.54
N PHE A 479 11.44 -10.70 -8.70
CA PHE A 479 10.29 -11.59 -8.74
C PHE A 479 10.49 -12.86 -7.93
N ASN A 480 11.71 -13.39 -7.96
CA ASN A 480 12.03 -14.60 -7.19
C ASN A 480 11.91 -14.34 -5.69
N GLN A 481 12.35 -13.17 -5.26
CA GLN A 481 12.19 -12.74 -3.88
C GLN A 481 10.70 -12.68 -3.55
N ARG A 482 9.91 -12.19 -4.50
CA ARG A 482 8.47 -12.08 -4.32
C ARG A 482 7.83 -13.45 -4.17
N LYS A 483 8.19 -14.38 -5.04
CA LYS A 483 7.62 -15.71 -5.00
C LYS A 483 7.93 -16.40 -3.68
N GLU A 484 9.15 -16.23 -3.20
CA GLU A 484 9.58 -16.83 -1.94
C GLU A 484 8.71 -16.35 -0.78
N HIS A 485 8.54 -15.04 -0.67
CA HIS A 485 7.80 -14.45 0.43
C HIS A 485 6.30 -14.76 0.36
N LYS A 486 5.76 -14.85 -0.85
CA LYS A 486 4.36 -15.20 -1.02
C LYS A 486 4.12 -16.61 -0.49
N GLY A 487 5.10 -17.49 -0.74
CA GLY A 487 5.06 -18.84 -0.22
C GLY A 487 4.91 -18.86 1.28
N TYR A 488 5.75 -18.08 1.96
CA TYR A 488 5.68 -17.97 3.41
C TYR A 488 4.31 -17.45 3.82
N MET A 489 3.79 -16.48 3.08
CA MET A 489 2.50 -15.88 3.41
C MET A 489 1.37 -16.90 3.34
N LEU A 490 1.26 -17.55 2.18
CA LEU A 490 0.19 -18.53 1.96
C LEU A 490 0.26 -19.69 2.94
N ALA A 491 1.48 -20.10 3.28
CA ALA A 491 1.68 -21.16 4.27
C ALA A 491 1.17 -20.71 5.63
N ALA A 492 1.47 -19.46 5.99
CA ALA A 492 1.01 -18.87 7.24
C ALA A 492 -0.51 -18.81 7.24
N GLN A 493 -1.06 -18.45 6.08
CA GLN A 493 -2.50 -18.39 5.87
C GLN A 493 -3.13 -19.77 6.01
N ARG A 494 -2.51 -20.77 5.40
CA ARG A 494 -2.99 -22.15 5.49
C ARG A 494 -2.91 -22.67 6.92
N ASN A 495 -1.79 -22.37 7.58
CA ASN A 495 -1.61 -22.73 8.97
C ASN A 495 -2.66 -22.04 9.85
N GLY A 496 -3.04 -20.83 9.44
CA GLY A 496 -4.05 -20.07 10.16
C GLY A 496 -5.37 -20.80 10.22
N GLU A 497 -5.79 -21.37 9.09
CA GLU A 497 -7.05 -22.09 9.01
C GLU A 497 -7.04 -23.36 9.85
N ILE A 498 -5.90 -24.06 9.85
CA ILE A 498 -5.72 -25.24 10.67
C ILE A 498 -6.02 -24.93 12.13
N ILE A 499 -5.46 -23.82 12.61
CA ILE A 499 -5.68 -23.40 13.99
C ILE A 499 -7.13 -22.99 14.19
N LYS A 500 -7.71 -22.32 13.19
CA LYS A 500 -9.12 -21.94 13.23
C LYS A 500 -10.02 -23.16 13.36
N GLU A 501 -9.63 -24.25 12.70
CA GLU A 501 -10.37 -25.50 12.79
C GLU A 501 -10.25 -26.12 14.19
N ALA A 502 -9.02 -26.17 14.70
CA ALA A 502 -8.77 -26.77 16.01
C ALA A 502 -9.45 -25.97 17.12
N LEU A 503 -9.73 -24.70 16.85
CA LEU A 503 -10.41 -23.84 17.81
C LEU A 503 -11.90 -24.16 17.94
N HIS A 504 -12.36 -25.17 17.22
CA HIS A 504 -13.74 -25.62 17.35
C HIS A 504 -13.88 -26.60 18.51
N ASN A 505 -12.78 -27.24 18.86
CA ASN A 505 -12.77 -28.19 19.98
C ASN A 505 -11.57 -28.01 20.90
N PRO A 506 -11.47 -26.84 21.55
CA PRO A 506 -10.31 -26.55 22.39
C PRO A 506 -10.28 -27.42 23.64
N ASN A 507 -9.13 -28.05 23.89
CA ASN A 507 -8.97 -28.93 25.03
C ASN A 507 -8.92 -28.17 26.36
N LEU A 508 -9.65 -28.67 27.34
CA LEU A 508 -9.64 -28.07 28.66
C LEU A 508 -8.37 -28.42 29.42
N SER A 509 -7.34 -27.58 29.24
CA SER A 509 -6.06 -27.80 29.91
C SER A 509 -5.23 -26.52 29.93
N VAL A 510 -4.15 -26.55 30.71
CA VAL A 510 -3.22 -25.42 30.78
C VAL A 510 -1.93 -25.75 30.06
N ASP A 511 -1.65 -25.03 28.97
CA ASP A 511 -0.47 -25.27 28.18
C ASP A 511 0.06 -24.00 27.55
N GLU A 512 1.13 -24.13 26.78
CA GLU A 512 1.72 -22.99 26.09
C GLU A 512 1.71 -23.24 24.59
N PRO A 513 1.59 -22.15 23.80
CA PRO A 513 1.59 -22.24 22.34
C PRO A 513 2.84 -22.95 21.81
N LEU A 514 2.66 -23.79 20.80
CA LEU A 514 3.75 -24.57 20.24
C LEU A 514 4.78 -23.66 19.57
N ASP A 515 6.06 -23.99 19.73
CA ASP A 515 7.12 -23.28 19.03
C ASP A 515 7.22 -23.80 17.61
N VAL A 516 6.69 -23.03 16.66
CA VAL A 516 6.72 -23.42 15.25
C VAL A 516 7.07 -22.25 14.34
N ASP A 517 7.61 -22.57 13.16
CA ASP A 517 7.85 -21.56 12.14
C ASP A 517 6.63 -21.51 11.23
N TYR A 518 5.80 -20.49 11.40
CA TYR A 518 4.54 -20.38 10.69
C TYR A 518 4.72 -20.18 9.18
N ARG A 519 5.93 -19.80 8.77
CA ARG A 519 6.23 -19.58 7.34
C ARG A 519 6.19 -20.90 6.55
N PHE A 520 6.11 -22.02 7.25
CA PHE A 520 6.08 -23.32 6.60
C PHE A 520 4.89 -24.14 7.08
N ASP A 521 4.31 -24.92 6.17
CA ASP A 521 3.16 -25.74 6.50
C ASP A 521 3.43 -26.66 7.68
N PHE A 522 2.51 -26.64 8.64
CA PHE A 522 2.62 -27.46 9.85
C PHE A 522 2.87 -28.92 9.50
N SER A 523 3.80 -29.54 10.22
CA SER A 523 4.05 -30.97 10.07
C SER A 523 2.94 -31.75 10.76
N ASP A 524 2.82 -33.03 10.40
CA ASP A 524 1.77 -33.88 10.96
C ASP A 524 1.89 -34.04 12.47
N GLU A 525 3.12 -34.00 12.97
CA GLU A 525 3.35 -33.99 14.41
C GLU A 525 2.76 -32.72 15.02
N ILE A 526 3.09 -31.58 14.44
CA ILE A 526 2.58 -30.29 14.90
C ILE A 526 1.04 -30.24 14.86
N LYS A 527 0.46 -30.67 13.75
CA LYS A 527 -0.99 -30.71 13.62
C LYS A 527 -1.64 -31.61 14.68
N GLU A 528 -1.00 -32.72 14.99
CA GLU A 528 -1.49 -33.63 16.01
C GLU A 528 -1.48 -32.96 17.39
N LYS A 529 -0.40 -32.24 17.68
CA LYS A 529 -0.27 -31.55 18.95
C LYS A 529 -1.28 -30.42 19.08
N ILE A 530 -1.56 -29.75 17.96
CA ILE A 530 -2.46 -28.60 17.94
C ILE A 530 -3.88 -28.97 18.39
N LYS A 531 -4.33 -30.15 17.99
CA LYS A 531 -5.66 -30.63 18.36
C LYS A 531 -5.78 -30.91 19.87
N LYS A 532 -4.65 -30.81 20.59
CA LYS A 532 -4.63 -31.06 22.02
C LYS A 532 -4.43 -29.80 22.85
N LEU A 533 -4.23 -28.67 22.19
CA LEU A 533 -3.96 -27.41 22.89
C LEU A 533 -5.24 -26.74 23.40
N SER A 534 -5.08 -25.87 24.40
CA SER A 534 -6.19 -25.11 24.95
C SER A 534 -6.60 -24.00 24.01
N ALA A 535 -7.59 -23.21 24.42
CA ALA A 535 -8.03 -22.07 23.62
C ALA A 535 -7.00 -20.96 23.68
N LYS A 536 -6.45 -20.74 24.88
CA LYS A 536 -5.45 -19.69 25.09
C LYS A 536 -4.23 -19.91 24.20
N SER A 537 -3.71 -21.13 24.21
CA SER A 537 -2.55 -21.47 23.39
C SER A 537 -2.89 -21.39 21.90
N LEU A 538 -4.09 -21.83 21.53
CA LEU A 538 -4.52 -21.81 20.13
C LEU A 538 -4.69 -20.38 19.63
N ASN A 539 -5.45 -19.58 20.38
CA ASN A 539 -5.67 -18.18 20.00
C ASN A 539 -4.36 -17.41 19.90
N GLU A 540 -3.39 -17.77 20.73
CA GLU A 540 -2.07 -17.17 20.65
C GLU A 540 -1.34 -17.60 19.38
N MET A 541 -1.48 -18.87 19.00
CA MET A 541 -0.85 -19.38 17.79
C MET A 541 -1.52 -18.81 16.55
N LEU A 542 -2.84 -18.66 16.60
CA LEU A 542 -3.59 -18.06 15.51
C LEU A 542 -3.13 -16.63 15.31
N PHE A 543 -2.85 -15.95 16.42
CA PHE A 543 -2.35 -14.59 16.38
C PHE A 543 -0.98 -14.53 15.71
N ARG A 544 -0.09 -15.43 16.11
CA ARG A 544 1.26 -15.45 15.57
C ARG A 544 1.26 -15.88 14.11
N ALA A 545 0.31 -16.74 13.76
CA ALA A 545 0.14 -17.18 12.38
C ALA A 545 -0.24 -15.99 11.52
N GLN A 546 -1.24 -15.25 11.99
CA GLN A 546 -1.71 -14.07 11.29
C GLN A 546 -0.64 -12.99 11.21
N ARG A 547 0.15 -12.85 12.26
CA ARG A 547 1.26 -11.90 12.24
C ARG A 547 2.31 -12.31 11.22
N THR A 548 2.58 -13.60 11.13
CA THR A 548 3.52 -14.13 10.15
C THR A 548 2.99 -13.92 8.73
N GLU A 549 1.67 -14.06 8.57
CA GLU A 549 1.05 -13.88 7.28
C GLU A 549 1.15 -12.43 6.82
N VAL A 550 0.89 -11.51 7.74
CA VAL A 550 1.00 -10.08 7.44
C VAL A 550 2.44 -9.74 7.04
N ALA A 551 3.41 -10.26 7.79
CA ALA A 551 4.82 -10.05 7.49
C ALA A 551 5.17 -10.56 6.08
N GLY A 552 4.68 -11.75 5.76
CA GLY A 552 4.85 -12.30 4.43
C GLY A 552 4.13 -11.45 3.38
N MET A 553 2.94 -10.97 3.73
CA MET A 553 2.14 -10.16 2.82
C MET A 553 2.89 -8.89 2.43
N THR A 554 3.46 -8.21 3.42
CA THR A 554 4.20 -6.98 3.18
C THR A 554 5.35 -7.23 2.21
N ALA A 555 6.14 -8.26 2.50
CA ALA A 555 7.31 -8.59 1.70
C ALA A 555 6.94 -8.97 0.27
N GLN A 556 5.85 -9.70 0.10
CA GLN A 556 5.48 -10.17 -1.23
C GLN A 556 4.72 -9.14 -2.08
N ILE A 557 3.75 -8.46 -1.48
CA ILE A 557 2.88 -7.57 -2.23
C ILE A 557 3.63 -6.30 -2.65
N ASN A 558 4.68 -5.98 -1.91
CA ASN A 558 5.48 -4.79 -2.20
C ASN A 558 6.62 -5.06 -3.17
N ARG A 559 7.08 -6.31 -3.22
CA ARG A 559 8.01 -6.70 -4.25
C ARG A 559 7.24 -6.84 -5.56
N LYS A 560 6.00 -7.30 -5.45
CA LYS A 560 5.09 -7.32 -6.59
C LYS A 560 4.83 -5.90 -7.10
N LEU A 561 4.63 -4.98 -6.17
CA LEU A 561 4.41 -3.58 -6.50
C LEU A 561 5.63 -3.02 -7.23
N LEU A 562 6.83 -3.39 -6.77
CA LEU A 562 8.06 -2.88 -7.36
C LEU A 562 8.26 -3.36 -8.80
N ILE A 563 8.04 -4.65 -9.05
CA ILE A 563 8.21 -5.18 -10.40
C ILE A 563 7.13 -4.69 -11.35
N ASN A 564 5.91 -4.54 -10.86
CA ASN A 564 4.84 -3.99 -11.68
C ASN A 564 5.09 -2.51 -11.97
N SER A 565 5.83 -1.86 -11.06
CA SER A 565 6.19 -0.46 -11.24
C SER A 565 7.31 -0.32 -12.26
N LEU A 566 8.10 -1.37 -12.45
CA LEU A 566 9.08 -1.38 -13.52
C LEU A 566 8.37 -1.35 -14.86
N TYR A 567 7.29 -2.13 -14.99
CA TYR A 567 6.46 -2.03 -16.18
C TYR A 567 5.97 -0.59 -16.32
N GLY A 568 5.39 -0.06 -15.24
CA GLY A 568 4.81 1.26 -15.25
C GLY A 568 5.83 2.33 -15.60
N ALA A 569 7.04 2.16 -15.08
CA ALA A 569 8.15 3.07 -15.35
C ALA A 569 8.37 3.22 -16.86
N LEU A 570 8.25 2.12 -17.59
CA LEU A 570 8.41 2.13 -19.04
C LEU A 570 7.41 3.07 -19.72
N GLY A 571 6.31 3.33 -19.04
CA GLY A 571 5.30 4.26 -19.54
C GLY A 571 5.38 5.62 -18.88
N ASN A 572 6.47 5.90 -18.18
CA ASN A 572 6.67 7.20 -17.56
C ASN A 572 7.86 7.96 -18.14
N VAL A 573 7.60 9.19 -18.59
CA VAL A 573 8.60 9.97 -19.33
C VAL A 573 9.88 10.26 -18.57
N TRP A 574 9.84 10.11 -17.25
CA TRP A 574 11.00 10.44 -16.41
C TRP A 574 11.92 9.25 -16.21
N PHE A 575 11.46 8.08 -16.66
CA PHE A 575 12.26 6.87 -16.60
C PHE A 575 13.34 6.94 -17.68
N ARG A 576 14.58 6.62 -17.29
CA ARG A 576 15.69 6.62 -18.22
C ARG A 576 15.41 5.71 -19.42
N TYR A 577 14.67 4.64 -19.17
CA TYR A 577 14.38 3.64 -20.20
C TYR A 577 12.92 3.67 -20.61
N TYR A 578 12.31 4.85 -20.52
CA TYR A 578 10.95 5.06 -21.02
C TYR A 578 10.87 4.71 -22.49
N ASP A 579 9.80 4.01 -22.86
CA ASP A 579 9.60 3.60 -24.23
C ASP A 579 8.20 3.02 -24.39
N LEU A 580 7.31 3.77 -25.04
N LEU A 580 7.31 3.77 -25.04
CA LEU A 580 5.94 3.32 -25.24
CA LEU A 580 5.94 3.32 -25.24
C LEU A 580 5.86 2.07 -26.11
C LEU A 580 5.85 2.07 -26.11
N ARG A 581 6.88 1.83 -26.91
CA ARG A 581 6.93 0.63 -27.75
C ARG A 581 6.95 -0.60 -26.86
N ASN A 582 7.72 -0.53 -25.78
CA ASN A 582 7.81 -1.61 -24.82
C ASN A 582 6.60 -1.68 -23.89
N ALA A 583 6.12 -0.52 -23.46
CA ALA A 583 4.98 -0.45 -22.57
C ALA A 583 3.74 -1.03 -23.24
N THR A 584 3.51 -0.60 -24.48
CA THR A 584 2.36 -1.07 -25.26
C THR A 584 2.55 -2.53 -25.64
N ALA A 585 3.79 -2.93 -25.88
CA ALA A 585 4.10 -4.33 -26.16
C ALA A 585 3.60 -5.19 -25.04
N ILE A 586 3.84 -4.75 -23.80
CA ILE A 586 3.41 -5.47 -22.61
C ILE A 586 1.89 -5.54 -22.51
N THR A 587 1.23 -4.39 -22.57
CA THR A 587 -0.23 -4.35 -22.43
C THR A 587 -0.95 -5.06 -23.57
N THR A 588 -0.49 -4.84 -24.80
CA THR A 588 -1.13 -5.46 -25.95
C THR A 588 -0.99 -6.97 -25.88
N PHE A 589 0.21 -7.45 -25.57
CA PHE A 589 0.45 -8.86 -25.33
C PHE A 589 -0.50 -9.35 -24.24
N GLY A 590 -0.67 -8.52 -23.21
CA GLY A 590 -1.56 -8.83 -22.11
C GLY A 590 -3.00 -8.98 -22.58
N GLN A 591 -3.45 -8.03 -23.38
CA GLN A 591 -4.79 -8.10 -23.94
C GLN A 591 -5.00 -9.37 -24.76
N MET A 592 -4.00 -9.69 -25.58
CA MET A 592 -4.05 -10.91 -26.37
C MET A 592 -4.10 -12.13 -25.45
N ALA A 593 -3.12 -12.21 -24.55
CA ALA A 593 -3.00 -13.34 -23.63
C ALA A 593 -4.32 -13.67 -22.93
N LEU A 594 -4.95 -12.66 -22.36
CA LEU A 594 -6.23 -12.86 -21.66
C LEU A 594 -7.30 -13.40 -22.59
N GLN A 595 -7.53 -12.71 -23.71
CA GLN A 595 -8.60 -13.09 -24.61
C GLN A 595 -8.30 -14.38 -25.39
N TRP A 596 -7.02 -14.68 -25.57
CA TRP A 596 -6.60 -15.96 -26.14
C TRP A 596 -7.04 -17.08 -25.22
N ILE A 597 -6.72 -16.96 -23.94
CA ILE A 597 -7.04 -18.01 -22.98
C ILE A 597 -8.53 -18.08 -22.66
N GLU A 598 -9.26 -16.99 -22.88
CA GLU A 598 -10.70 -17.02 -22.74
C GLU A 598 -11.27 -17.98 -23.77
N ARG A 599 -10.80 -17.86 -25.00
CA ARG A 599 -11.23 -18.74 -26.08
C ARG A 599 -10.80 -20.18 -25.79
N LYS A 600 -9.54 -20.36 -25.42
CA LYS A 600 -9.02 -21.69 -25.12
C LYS A 600 -9.82 -22.39 -24.03
N VAL A 601 -10.06 -21.68 -22.93
CA VAL A 601 -10.82 -22.22 -21.80
C VAL A 601 -12.25 -22.57 -22.22
N ASN A 602 -12.87 -21.68 -23.00
CA ASN A 602 -14.20 -21.95 -23.52
C ASN A 602 -14.26 -23.20 -24.39
N GLU A 603 -13.26 -23.36 -25.25
CA GLU A 603 -13.19 -24.52 -26.13
C GLU A 603 -13.03 -25.81 -25.33
N TYR A 604 -12.13 -25.81 -24.35
CA TYR A 604 -11.87 -26.99 -23.53
C TYR A 604 -13.10 -27.42 -22.75
N LEU A 605 -13.82 -26.45 -22.20
CA LEU A 605 -14.96 -26.75 -21.35
C LEU A 605 -16.17 -27.25 -22.13
N ASN A 606 -16.43 -26.66 -23.28
CA ASN A 606 -17.47 -27.20 -24.16
C ASN A 606 -17.12 -28.63 -24.58
N GLU A 607 -15.84 -28.88 -24.80
CA GLU A 607 -15.36 -30.21 -25.16
C GLU A 607 -15.57 -31.24 -24.05
N VAL A 608 -14.99 -30.99 -22.87
CA VAL A 608 -15.05 -31.97 -21.78
C VAL A 608 -16.44 -32.11 -21.15
N CYS A 609 -17.25 -31.07 -21.25
CA CYS A 609 -18.62 -31.12 -20.73
C CYS A 609 -19.54 -31.80 -21.74
N GLY A 610 -19.24 -31.60 -23.02
CA GLY A 610 -20.06 -32.14 -24.09
C GLY A 610 -20.87 -31.06 -24.76
N THR A 611 -20.97 -29.91 -24.11
CA THR A 611 -21.70 -28.76 -24.64
C THR A 611 -21.04 -28.21 -25.90
N GLU A 612 -21.63 -27.16 -26.46
CA GLU A 612 -21.05 -26.52 -27.64
C GLU A 612 -21.55 -25.10 -27.81
N GLY A 613 -20.63 -24.14 -27.78
CA GLY A 613 -20.96 -22.75 -28.01
C GLY A 613 -21.35 -22.01 -26.75
N GLU A 614 -21.34 -22.71 -25.62
CA GLU A 614 -21.70 -22.09 -24.34
C GLU A 614 -20.55 -21.27 -23.79
N ALA A 615 -20.87 -20.10 -23.26
CA ALA A 615 -19.87 -19.22 -22.66
C ALA A 615 -19.60 -19.64 -21.23
N PHE A 616 -18.42 -20.19 -20.98
CA PHE A 616 -18.05 -20.62 -19.65
C PHE A 616 -17.36 -19.51 -18.86
N VAL A 617 -16.53 -18.73 -19.55
CA VAL A 617 -15.91 -17.59 -18.91
C VAL A 617 -16.89 -16.42 -18.91
N LEU A 618 -17.27 -15.99 -17.71
CA LEU A 618 -18.30 -14.97 -17.56
C LEU A 618 -17.70 -13.57 -17.38
N TYR A 619 -16.44 -13.52 -16.95
CA TYR A 619 -15.79 -12.25 -16.69
C TYR A 619 -14.28 -12.40 -16.71
N GLY A 620 -13.59 -11.27 -16.91
CA GLY A 620 -12.14 -11.24 -16.90
C GLY A 620 -11.61 -9.82 -16.82
N ASP A 621 -10.53 -9.65 -16.09
CA ASP A 621 -9.88 -8.35 -15.93
C ASP A 621 -8.38 -8.53 -16.03
N THR A 622 -7.79 -7.97 -17.09
CA THR A 622 -6.33 -7.98 -17.28
C THR A 622 -5.75 -9.39 -17.48
N ASP A 623 -5.74 -10.20 -16.43
CA ASP A 623 -5.14 -11.52 -16.49
C ASP A 623 -5.93 -12.57 -15.72
N SER A 624 -7.20 -12.29 -15.48
CA SER A 624 -8.01 -13.22 -14.73
C SER A 624 -9.20 -13.67 -15.55
N ILE A 625 -9.70 -14.86 -15.24
CA ILE A 625 -10.96 -15.32 -15.82
C ILE A 625 -11.82 -15.92 -14.73
N TYR A 626 -13.10 -15.62 -14.76
CA TYR A 626 -14.04 -16.23 -13.85
C TYR A 626 -14.92 -17.20 -14.63
N VAL A 627 -14.78 -18.49 -14.31
CA VAL A 627 -15.43 -19.55 -15.06
C VAL A 627 -16.72 -20.01 -14.37
N SER A 628 -17.82 -19.97 -15.11
CA SER A 628 -19.07 -20.50 -14.60
C SER A 628 -18.97 -22.02 -14.54
N ALA A 629 -19.01 -22.57 -13.33
CA ALA A 629 -18.81 -24.00 -13.15
C ALA A 629 -20.11 -24.75 -12.87
N ASP A 630 -21.23 -24.11 -13.19
CA ASP A 630 -22.54 -24.72 -12.98
C ASP A 630 -22.65 -26.06 -13.70
N LYS A 631 -22.12 -26.12 -14.92
CA LYS A 631 -22.24 -27.31 -15.74
C LYS A 631 -21.20 -28.39 -15.42
N ILE A 632 -20.07 -27.98 -14.85
CA ILE A 632 -19.10 -28.94 -14.34
C ILE A 632 -19.69 -29.66 -13.13
N ILE A 633 -20.38 -28.90 -12.29
CA ILE A 633 -21.08 -29.47 -11.14
C ILE A 633 -22.24 -30.36 -11.57
N ASP A 634 -23.01 -29.89 -12.55
CA ASP A 634 -24.20 -30.61 -13.00
C ASP A 634 -23.91 -31.91 -13.74
N LYS A 635 -22.73 -31.99 -14.37
CA LYS A 635 -22.35 -33.18 -15.10
C LYS A 635 -22.09 -34.33 -14.13
N VAL A 636 -21.92 -33.99 -12.86
CA VAL A 636 -21.83 -34.98 -11.79
C VAL A 636 -23.12 -34.98 -10.98
N GLY A 637 -23.81 -33.84 -10.98
CA GLY A 637 -25.04 -33.68 -10.25
C GLY A 637 -24.80 -33.40 -8.79
N GLU A 638 -25.58 -32.49 -8.21
CA GLU A 638 -25.41 -32.09 -6.82
C GLU A 638 -25.61 -33.27 -5.86
N SER A 639 -26.36 -34.26 -6.31
CA SER A 639 -26.73 -35.42 -5.50
C SER A 639 -25.51 -36.19 -4.97
N LYS A 640 -24.52 -36.38 -5.84
CA LYS A 640 -23.37 -37.23 -5.51
C LYS A 640 -22.40 -36.62 -4.49
N PHE A 641 -22.75 -35.47 -3.93
CA PHE A 641 -21.85 -34.80 -2.98
C PHE A 641 -22.32 -34.93 -1.53
N ARG A 642 -21.39 -35.28 -0.65
CA ARG A 642 -21.67 -35.41 0.78
C ARG A 642 -22.01 -34.06 1.40
N ASP A 643 -21.03 -33.17 1.42
CA ASP A 643 -21.21 -31.83 1.95
C ASP A 643 -20.63 -30.79 1.01
N THR A 644 -20.65 -29.52 1.42
CA THR A 644 -20.11 -28.44 0.61
C THR A 644 -18.63 -28.69 0.31
N ASN A 645 -17.90 -29.14 1.32
CA ASN A 645 -16.48 -29.39 1.20
C ASN A 645 -16.16 -30.45 0.15
N HIS A 646 -17.14 -31.29 -0.16
CA HIS A 646 -16.96 -32.36 -1.13
C HIS A 646 -16.80 -31.81 -2.54
N TRP A 647 -17.77 -31.01 -3.00
CA TRP A 647 -17.70 -30.47 -4.35
C TRP A 647 -16.59 -29.43 -4.51
N VAL A 648 -16.23 -28.78 -3.40
CA VAL A 648 -15.09 -27.87 -3.41
C VAL A 648 -13.81 -28.65 -3.71
N ASP A 649 -13.67 -29.82 -3.08
CA ASP A 649 -12.56 -30.72 -3.38
C ASP A 649 -12.62 -31.18 -4.82
N PHE A 650 -13.83 -31.39 -5.31
CA PHE A 650 -14.03 -31.84 -6.68
C PHE A 650 -13.54 -30.82 -7.70
N LEU A 651 -13.98 -29.58 -7.54
CA LEU A 651 -13.56 -28.50 -8.42
C LEU A 651 -12.07 -28.23 -8.27
N ASP A 652 -11.58 -28.34 -7.04
CA ASP A 652 -10.16 -28.19 -6.75
C ASP A 652 -9.34 -29.19 -7.54
N LYS A 653 -9.71 -30.46 -7.46
CA LYS A 653 -9.03 -31.51 -8.22
C LYS A 653 -9.22 -31.28 -9.71
N PHE A 654 -10.43 -30.87 -10.10
CA PHE A 654 -10.76 -30.65 -11.51
C PHE A 654 -9.90 -29.56 -12.15
N ALA A 655 -9.78 -28.43 -11.47
CA ALA A 655 -8.98 -27.32 -11.98
C ALA A 655 -7.53 -27.72 -12.07
N ARG A 656 -7.07 -28.44 -11.05
CA ARG A 656 -5.66 -28.79 -10.92
C ARG A 656 -5.24 -29.90 -11.88
N GLU A 657 -6.11 -30.88 -12.09
CA GLU A 657 -5.77 -32.05 -12.91
C GLU A 657 -6.20 -31.93 -14.38
N ARG A 658 -7.25 -31.17 -14.64
CA ARG A 658 -7.78 -31.05 -15.99
C ARG A 658 -7.60 -29.68 -16.64
N MET A 659 -8.10 -28.65 -15.97
CA MET A 659 -8.12 -27.31 -16.57
C MET A 659 -6.75 -26.66 -16.73
N GLU A 660 -5.98 -26.62 -15.64
CA GLU A 660 -4.62 -26.04 -15.69
C GLU A 660 -3.71 -26.62 -16.78
N PRO A 661 -3.67 -27.96 -16.93
CA PRO A 661 -2.85 -28.50 -18.03
C PRO A 661 -3.34 -28.03 -19.40
N ALA A 662 -4.65 -27.92 -19.57
CA ALA A 662 -5.22 -27.41 -20.81
C ALA A 662 -4.79 -25.96 -21.03
N ILE A 663 -4.83 -25.18 -19.96
CA ILE A 663 -4.40 -23.79 -20.01
C ILE A 663 -2.91 -23.71 -20.32
N ASP A 664 -2.13 -24.59 -19.71
CA ASP A 664 -0.70 -24.69 -19.98
C ASP A 664 -0.45 -24.94 -21.46
N ARG A 665 -1.22 -25.85 -22.05
CA ARG A 665 -1.11 -26.14 -23.47
C ARG A 665 -1.52 -24.93 -24.30
N GLY A 666 -2.61 -24.30 -23.92
CA GLY A 666 -3.12 -23.14 -24.63
C GLY A 666 -2.11 -22.01 -24.68
N PHE A 667 -1.43 -21.78 -23.57
CA PHE A 667 -0.43 -20.72 -23.48
C PHE A 667 0.89 -21.11 -24.13
N ARG A 668 1.25 -22.38 -23.99
CA ARG A 668 2.48 -22.89 -24.60
C ARG A 668 2.39 -22.75 -26.12
N GLU A 669 1.19 -22.93 -26.66
CA GLU A 669 0.95 -22.72 -28.07
C GLU A 669 1.10 -21.24 -28.42
N MET A 670 0.51 -20.39 -27.60
CA MET A 670 0.58 -18.95 -27.80
C MET A 670 2.04 -18.50 -27.80
N CYS A 671 2.83 -19.12 -26.94
CA CYS A 671 4.25 -18.83 -26.84
C CYS A 671 4.99 -19.14 -28.14
N GLU A 672 4.58 -20.22 -28.80
CA GLU A 672 5.17 -20.57 -30.09
C GLU A 672 4.68 -19.63 -31.17
N TYR A 673 3.41 -19.25 -31.06
CA TYR A 673 2.78 -18.33 -32.01
C TYR A 673 3.56 -17.02 -32.08
N MET A 674 3.93 -16.48 -30.91
CA MET A 674 4.68 -15.24 -30.85
C MET A 674 6.18 -15.48 -30.88
N ASN A 675 6.58 -16.75 -30.96
CA ASN A 675 7.98 -17.14 -30.93
C ASN A 675 8.73 -16.52 -29.74
N ASN A 676 8.10 -16.57 -28.57
CA ASN A 676 8.68 -15.94 -27.38
C ASN A 676 9.91 -16.67 -26.83
N LYS A 677 10.69 -15.97 -26.01
CA LYS A 677 11.93 -16.53 -25.47
C LYS A 677 11.67 -17.67 -24.50
N GLN A 678 10.67 -17.52 -23.65
CA GLN A 678 10.38 -18.52 -22.63
C GLN A 678 8.93 -18.47 -22.18
N HIS A 679 8.27 -19.62 -22.20
CA HIS A 679 6.89 -19.70 -21.73
C HIS A 679 6.81 -19.42 -20.23
N LEU A 680 6.10 -18.35 -19.88
CA LEU A 680 5.98 -17.94 -18.48
C LEU A 680 4.56 -17.52 -18.14
N MET A 681 3.62 -17.82 -19.03
CA MET A 681 2.22 -17.57 -18.77
C MET A 681 1.66 -18.69 -17.89
N PHE A 682 1.79 -18.51 -16.58
CA PHE A 682 1.38 -19.53 -15.62
C PHE A 682 0.08 -19.13 -14.92
N MET A 683 -1.02 -19.70 -15.39
CA MET A 683 -2.34 -19.36 -14.88
C MET A 683 -2.87 -20.48 -13.97
N ASP A 684 -2.83 -20.24 -12.67
CA ASP A 684 -3.31 -21.20 -11.68
C ASP A 684 -4.69 -20.83 -11.17
N ARG A 685 -5.44 -21.82 -10.68
CA ARG A 685 -6.75 -21.56 -10.10
C ARG A 685 -6.60 -20.64 -8.90
N GLU A 686 -7.54 -19.72 -8.75
CA GLU A 686 -7.52 -18.86 -7.57
C GLU A 686 -8.67 -19.20 -6.62
N ALA A 687 -9.89 -18.80 -6.98
CA ALA A 687 -11.04 -18.96 -6.10
C ALA A 687 -11.98 -20.09 -6.52
N ILE A 688 -12.54 -20.77 -5.53
CA ILE A 688 -13.63 -21.71 -5.75
C ILE A 688 -14.84 -21.22 -4.98
N ALA A 689 -15.82 -20.68 -5.70
CA ALA A 689 -16.99 -20.08 -5.05
C ALA A 689 -18.29 -20.82 -5.34
N GLY A 690 -19.22 -20.72 -4.41
CA GLY A 690 -20.52 -21.36 -4.54
C GLY A 690 -21.32 -21.25 -3.27
N PRO A 691 -22.63 -21.51 -3.36
CA PRO A 691 -23.48 -21.47 -2.17
C PRO A 691 -23.19 -22.67 -1.28
N PRO A 692 -23.55 -22.59 0.01
CA PRO A 692 -23.49 -23.78 0.85
C PRO A 692 -24.38 -24.87 0.27
N LEU A 693 -23.95 -26.12 0.34
CA LEU A 693 -24.69 -27.22 -0.25
C LEU A 693 -26.08 -27.35 0.36
N GLY A 694 -27.11 -27.31 -0.49
CA GLY A 694 -28.48 -27.50 -0.04
C GLY A 694 -29.13 -26.23 0.46
N SER A 695 -28.37 -25.14 0.45
CA SER A 695 -28.87 -23.84 0.88
C SER A 695 -29.60 -23.13 -0.25
N LYS A 696 -30.15 -21.96 0.06
CA LYS A 696 -30.84 -21.15 -0.94
C LYS A 696 -29.97 -19.98 -1.38
N GLY A 697 -28.70 -19.99 -0.97
CA GLY A 697 -27.76 -18.97 -1.36
C GLY A 697 -27.48 -19.01 -2.84
N ILE A 698 -27.18 -17.85 -3.43
CA ILE A 698 -26.99 -17.75 -4.87
C ILE A 698 -25.52 -17.91 -5.27
N GLY A 699 -24.64 -18.01 -4.30
CA GLY A 699 -23.23 -18.22 -4.55
C GLY A 699 -22.47 -16.94 -4.87
N GLY A 700 -22.89 -16.26 -5.93
CA GLY A 700 -22.23 -15.03 -6.33
C GLY A 700 -23.04 -14.19 -7.30
N PHE A 701 -22.57 -12.97 -7.56
CA PHE A 701 -23.18 -12.13 -8.58
C PHE A 701 -22.23 -11.08 -9.13
N TRP A 702 -22.54 -10.60 -10.33
CA TRP A 702 -21.85 -9.48 -10.95
C TRP A 702 -22.87 -8.39 -11.26
N THR A 703 -22.48 -7.13 -11.08
CA THR A 703 -23.36 -6.02 -11.45
C THR A 703 -22.83 -5.35 -12.72
N GLY A 704 -21.55 -5.54 -12.97
CA GLY A 704 -20.89 -4.96 -14.13
C GLY A 704 -19.39 -5.15 -14.01
N LYS A 705 -18.62 -4.43 -14.83
CA LYS A 705 -17.17 -4.50 -14.75
C LYS A 705 -16.65 -4.08 -13.38
N LYS A 706 -15.71 -4.86 -12.85
CA LYS A 706 -15.05 -4.55 -11.58
C LYS A 706 -16.00 -4.49 -10.38
N ARG A 707 -17.16 -5.11 -10.52
CA ARG A 707 -18.16 -5.11 -9.45
C ARG A 707 -18.80 -6.48 -9.30
N TYR A 708 -18.38 -7.21 -8.28
CA TYR A 708 -18.91 -8.55 -8.06
C TYR A 708 -18.69 -9.06 -6.65
N ALA A 709 -19.39 -10.14 -6.30
CA ALA A 709 -19.29 -10.73 -4.98
C ALA A 709 -19.36 -12.24 -5.10
N LEU A 710 -18.50 -12.92 -4.34
CA LEU A 710 -18.42 -14.37 -4.41
C LEU A 710 -18.32 -15.01 -3.03
N ASN A 711 -19.04 -16.10 -2.83
CA ASN A 711 -18.91 -16.88 -1.61
C ASN A 711 -17.79 -17.90 -1.77
N VAL A 712 -16.59 -17.52 -1.39
CA VAL A 712 -15.40 -18.33 -1.65
C VAL A 712 -15.12 -19.34 -0.54
N TRP A 713 -14.85 -20.58 -0.95
CA TRP A 713 -14.54 -21.66 -0.03
C TRP A 713 -13.04 -21.97 -0.02
N ASP A 714 -12.40 -21.78 -1.18
CA ASP A 714 -10.96 -22.01 -1.28
C ASP A 714 -10.30 -20.92 -2.13
N MET A 715 -9.14 -20.45 -1.68
CA MET A 715 -8.42 -19.38 -2.35
C MET A 715 -6.93 -19.67 -2.42
N GLU A 716 -6.45 -19.98 -3.63
CA GLU A 716 -5.04 -20.32 -3.87
C GLU A 716 -4.54 -21.44 -2.96
N GLY A 717 -5.40 -22.42 -2.70
CA GLY A 717 -5.01 -23.57 -1.90
C GLY A 717 -5.27 -23.40 -0.41
N THR A 718 -5.97 -22.33 -0.06
CA THR A 718 -6.36 -22.12 1.33
C THR A 718 -7.81 -22.50 1.52
N ARG A 719 -8.06 -23.60 2.21
CA ARG A 719 -9.40 -24.05 2.49
C ARG A 719 -9.89 -23.42 3.79
N TYR A 720 -10.73 -22.40 3.67
CA TYR A 720 -11.24 -21.67 4.82
C TYR A 720 -12.10 -22.55 5.71
N ALA A 721 -12.03 -22.33 7.02
CA ALA A 721 -12.88 -23.05 7.97
C ALA A 721 -14.33 -22.61 7.82
N GLU A 722 -14.51 -21.31 7.60
CA GLU A 722 -15.82 -20.73 7.27
C GLU A 722 -15.68 -19.96 5.96
N PRO A 723 -16.72 -20.02 5.11
CA PRO A 723 -16.62 -19.35 3.80
C PRO A 723 -16.36 -17.86 3.93
N LYS A 724 -15.47 -17.35 3.09
CA LYS A 724 -15.10 -15.94 3.11
C LYS A 724 -15.67 -15.23 1.88
N LEU A 725 -16.29 -14.09 2.08
CA LEU A 725 -16.85 -13.32 0.97
C LEU A 725 -15.74 -12.59 0.22
N LYS A 726 -15.64 -12.85 -1.08
CA LYS A 726 -14.75 -12.04 -1.91
C LYS A 726 -15.58 -11.02 -2.66
N ILE A 727 -15.59 -9.79 -2.17
CA ILE A 727 -16.35 -8.72 -2.79
C ILE A 727 -15.43 -7.69 -3.40
N MET A 728 -15.61 -7.43 -4.68
CA MET A 728 -14.78 -6.45 -5.37
C MET A 728 -15.63 -5.31 -5.92
N GLY A 729 -15.16 -4.08 -5.73
CA GLY A 729 -15.78 -2.91 -6.33
C GLY A 729 -17.04 -2.41 -5.66
N LEU A 730 -17.81 -3.32 -5.08
CA LEU A 730 -19.07 -2.95 -4.44
C LEU A 730 -18.85 -2.01 -3.26
N GLU A 731 -19.91 -1.32 -2.85
CA GLU A 731 -19.82 -0.26 -1.85
C GLU A 731 -19.22 -0.71 -0.52
N THR A 732 -19.36 -1.99 -0.22
CA THR A 732 -18.79 -2.56 1.00
C THR A 732 -17.26 -2.39 1.05
N GLN A 733 -16.66 -2.15 -0.11
CA GLN A 733 -15.21 -2.09 -0.24
C GLN A 733 -14.70 -0.67 -0.30
N LYS A 734 -15.61 0.28 -0.39
CA LYS A 734 -15.24 1.67 -0.59
C LYS A 734 -15.18 2.43 0.74
N SER A 735 -14.08 3.12 0.98
CA SER A 735 -13.89 3.91 2.19
C SER A 735 -14.91 5.04 2.29
N SER A 736 -15.46 5.44 1.15
CA SER A 736 -16.43 6.52 1.10
C SER A 736 -17.77 6.09 1.70
N THR A 737 -18.04 4.80 1.65
CA THR A 737 -19.27 4.23 2.23
C THR A 737 -19.17 4.17 3.75
N PRO A 738 -20.23 4.63 4.45
CA PRO A 738 -20.28 4.62 5.92
C PRO A 738 -19.99 3.25 6.50
N LYS A 739 -19.34 3.23 7.66
CA LYS A 739 -18.95 1.99 8.31
C LYS A 739 -20.13 1.03 8.51
N ALA A 740 -21.20 1.53 9.12
CA ALA A 740 -22.37 0.72 9.39
C ALA A 740 -23.05 0.22 8.11
N VAL A 741 -23.00 1.04 7.07
CA VAL A 741 -23.60 0.68 5.78
C VAL A 741 -22.79 -0.42 5.09
N GLN A 742 -21.47 -0.30 5.14
CA GLN A 742 -20.60 -1.35 4.66
C GLN A 742 -20.95 -2.66 5.34
N LYS A 743 -21.01 -2.61 6.66
CA LYS A 743 -21.34 -3.77 7.49
C LYS A 743 -22.69 -4.37 7.10
N ALA A 744 -23.68 -3.49 6.95
CA ALA A 744 -25.04 -3.91 6.61
C ALA A 744 -25.13 -4.48 5.20
N LEU A 745 -24.56 -3.75 4.24
CA LEU A 745 -24.55 -4.21 2.85
C LEU A 745 -23.83 -5.55 2.74
N LYS A 746 -22.73 -5.69 3.47
CA LYS A 746 -21.98 -6.93 3.45
C LYS A 746 -22.84 -8.08 3.94
N GLU A 747 -23.57 -7.85 5.05
CA GLU A 747 -24.43 -8.88 5.58
C GLU A 747 -25.58 -9.19 4.63
N CYS A 748 -26.07 -8.16 3.96
CA CYS A 748 -27.06 -8.37 2.90
C CYS A 748 -26.46 -9.29 1.85
N ILE A 749 -25.27 -8.94 1.37
CA ILE A 749 -24.58 -9.74 0.37
C ILE A 749 -24.33 -11.16 0.86
N ARG A 750 -23.83 -11.29 2.09
CA ARG A 750 -23.61 -12.61 2.68
C ARG A 750 -24.87 -13.45 2.65
N ARG A 751 -25.99 -12.84 3.04
CA ARG A 751 -27.25 -13.56 3.10
C ARG A 751 -27.73 -13.96 1.70
N MET A 752 -27.55 -13.08 0.73
CA MET A 752 -27.88 -13.40 -0.66
C MET A 752 -27.07 -14.59 -1.14
N LEU A 753 -25.77 -14.54 -0.91
CA LEU A 753 -24.87 -15.57 -1.42
C LEU A 753 -24.96 -16.89 -0.65
N GLN A 754 -25.29 -16.80 0.63
CA GLN A 754 -25.27 -17.99 1.49
C GLN A 754 -26.63 -18.53 1.90
N GLU A 755 -27.63 -17.65 1.98
CA GLU A 755 -28.90 -18.04 2.59
C GLU A 755 -30.14 -17.85 1.71
N GLY A 756 -30.11 -16.88 0.81
CA GLY A 756 -31.21 -16.70 -0.13
C GLY A 756 -32.05 -15.44 0.04
N GLU A 757 -33.08 -15.32 -0.79
CA GLU A 757 -33.91 -14.11 -0.85
C GLU A 757 -34.68 -13.83 0.44
N GLU A 758 -35.29 -14.87 1.02
CA GLU A 758 -36.06 -14.71 2.26
C GLU A 758 -35.20 -14.17 3.39
N SER A 759 -33.95 -14.64 3.46
CA SER A 759 -33.03 -14.19 4.48
C SER A 759 -32.64 -12.72 4.27
N LEU A 760 -32.46 -12.35 3.01
CA LEU A 760 -32.12 -10.96 2.68
C LEU A 760 -33.23 -10.00 3.09
N GLN A 761 -34.45 -10.33 2.69
CA GLN A 761 -35.61 -9.50 2.99
C GLN A 761 -35.79 -9.35 4.50
N GLU A 762 -35.58 -10.44 5.23
CA GLU A 762 -35.66 -10.44 6.68
C GLU A 762 -34.70 -9.42 7.31
N TYR A 763 -33.44 -9.47 6.88
CA TYR A 763 -32.42 -8.58 7.43
C TYR A 763 -32.65 -7.14 7.00
N PHE A 764 -33.08 -6.94 5.76
CA PHE A 764 -33.34 -5.60 5.26
C PHE A 764 -34.43 -4.92 6.06
N LYS A 765 -35.52 -5.63 6.30
CA LYS A 765 -36.64 -5.10 7.07
C LYS A 765 -36.17 -4.68 8.46
N GLU A 766 -35.29 -5.48 9.06
CA GLU A 766 -34.82 -5.21 10.41
C GLU A 766 -33.88 -4.01 10.42
N PHE A 767 -33.04 -3.92 9.39
CA PHE A 767 -32.10 -2.82 9.31
C PHE A 767 -32.84 -1.49 9.09
N GLU A 768 -33.84 -1.52 8.22
CA GLU A 768 -34.61 -0.31 7.92
C GLU A 768 -35.26 0.26 9.18
N LYS A 769 -35.80 -0.62 10.01
CA LYS A 769 -36.43 -0.21 11.27
C LYS A 769 -35.43 0.46 12.21
N GLU A 770 -34.31 -0.22 12.45
CA GLU A 770 -33.43 0.12 13.55
C GLU A 770 -32.28 1.08 13.20
N PHE A 771 -32.06 1.32 11.91
CA PHE A 771 -30.87 2.03 11.48
C PHE A 771 -30.73 3.46 12.03
N ARG A 772 -31.85 4.06 12.42
CA ARG A 772 -31.84 5.42 12.95
C ARG A 772 -31.16 5.51 14.32
N GLN A 773 -30.93 4.37 14.95
CA GLN A 773 -30.27 4.35 16.25
C GLN A 773 -28.76 4.23 16.11
N LEU A 774 -28.31 4.05 14.87
CA LEU A 774 -26.87 3.94 14.61
C LEU A 774 -26.16 5.24 14.91
N ASN A 775 -24.95 5.13 15.44
CA ASN A 775 -24.12 6.28 15.72
C ASN A 775 -23.88 7.09 14.45
N TYR A 776 -23.90 8.41 14.56
CA TYR A 776 -23.83 9.28 13.40
C TYR A 776 -22.53 9.11 12.61
N ILE A 777 -21.44 8.81 13.30
CA ILE A 777 -20.17 8.58 12.61
C ILE A 777 -20.24 7.30 11.77
N SER A 778 -20.88 6.27 12.30
CA SER A 778 -20.97 4.99 11.61
C SER A 778 -21.81 5.08 10.34
N ILE A 779 -22.64 6.10 10.25
CA ILE A 779 -23.49 6.27 9.07
C ILE A 779 -23.08 7.49 8.23
N ALA A 780 -22.02 8.16 8.65
CA ALA A 780 -21.48 9.27 7.88
C ALA A 780 -20.71 8.77 6.66
N SER A 781 -20.85 9.49 5.54
CA SER A 781 -20.07 9.18 4.35
C SER A 781 -18.67 9.77 4.49
N VAL A 782 -17.74 9.31 3.66
CA VAL A 782 -16.38 9.82 3.71
C VAL A 782 -15.96 10.29 2.31
N SER A 783 -15.21 11.39 2.24
CA SER A 783 -14.68 11.85 0.97
C SER A 783 -13.42 12.69 1.14
N SER A 784 -12.54 12.62 0.14
CA SER A 784 -11.37 13.49 0.11
C SER A 784 -11.83 14.91 -0.16
N ALA A 785 -11.16 15.87 0.46
CA ALA A 785 -11.56 17.28 0.37
C ALA A 785 -10.59 18.08 -0.48
N ASN A 786 -10.69 17.94 -1.80
CA ASN A 786 -9.78 18.63 -2.72
C ASN A 786 -10.36 19.92 -3.30
N ASN A 787 -9.49 20.92 -3.45
CA ASN A 787 -9.86 22.19 -4.07
C ASN A 787 -11.06 22.86 -3.41
N ILE A 788 -11.05 22.90 -2.09
CA ILE A 788 -12.12 23.56 -1.34
C ILE A 788 -12.25 25.03 -1.74
N ALA A 789 -11.12 25.72 -1.79
CA ALA A 789 -11.11 27.15 -2.10
C ALA A 789 -11.54 27.42 -3.53
N LYS A 790 -11.32 26.45 -4.41
CA LYS A 790 -11.73 26.55 -5.81
C LYS A 790 -13.24 26.77 -5.90
N TYR A 791 -13.98 26.14 -4.99
CA TYR A 791 -15.44 26.21 -5.01
C TYR A 791 -15.99 27.12 -3.91
N ASP A 792 -15.09 27.86 -3.25
CA ASP A 792 -15.49 28.76 -2.17
C ASP A 792 -15.77 30.17 -2.69
N VAL A 793 -17.04 30.51 -2.81
CA VAL A 793 -17.46 31.84 -3.25
C VAL A 793 -18.16 32.56 -2.10
N GLY A 794 -17.38 33.29 -1.30
CA GLY A 794 -17.92 34.02 -0.17
C GLY A 794 -18.48 33.09 0.89
N GLY A 795 -17.84 31.94 1.04
CA GLY A 795 -18.27 30.94 2.02
C GLY A 795 -19.39 30.06 1.50
N PHE A 796 -19.78 30.27 0.26
CA PHE A 796 -20.91 29.56 -0.33
C PHE A 796 -20.50 28.76 -1.57
N PRO A 797 -21.26 27.69 -1.90
CA PRO A 797 -20.94 26.82 -3.03
C PRO A 797 -20.88 27.56 -4.37
N GLY A 798 -19.71 27.49 -5.02
CA GLY A 798 -19.55 28.04 -6.35
C GLY A 798 -20.13 27.09 -7.39
N PRO A 799 -19.96 27.42 -8.67
CA PRO A 799 -20.47 26.57 -9.75
C PRO A 799 -19.84 25.18 -9.72
N LYS A 800 -20.67 24.16 -9.94
CA LYS A 800 -20.22 22.77 -9.95
C LYS A 800 -19.57 22.33 -8.65
N CYS A 801 -19.92 23.00 -7.54
CA CYS A 801 -19.37 22.63 -6.25
C CYS A 801 -19.80 21.22 -5.85
N PRO A 802 -18.82 20.32 -5.68
CA PRO A 802 -19.08 18.93 -5.29
C PRO A 802 -19.87 18.85 -3.98
N PHE A 803 -20.66 17.79 -3.84
CA PHE A 803 -21.53 17.61 -2.67
C PHE A 803 -20.76 17.71 -1.36
N HIS A 804 -19.64 17.00 -1.26
CA HIS A 804 -18.88 16.96 -0.02
C HIS A 804 -18.21 18.30 0.25
N ILE A 805 -17.80 18.99 -0.81
CA ILE A 805 -17.21 20.32 -0.66
C ILE A 805 -18.26 21.28 -0.14
N ARG A 806 -19.49 21.15 -0.64
CA ARG A 806 -20.60 21.93 -0.13
C ARG A 806 -20.77 21.73 1.38
N GLY A 807 -20.62 20.48 1.82
CA GLY A 807 -20.71 20.15 3.22
C GLY A 807 -19.65 20.84 4.06
N ILE A 808 -18.46 20.98 3.49
CA ILE A 808 -17.36 21.64 4.17
C ILE A 808 -17.63 23.13 4.35
N LEU A 809 -18.13 23.75 3.29
CA LEU A 809 -18.48 25.17 3.33
C LEU A 809 -19.55 25.43 4.37
N THR A 810 -20.53 24.54 4.44
CA THR A 810 -21.58 24.62 5.44
C THR A 810 -20.97 24.58 6.83
N TYR A 811 -19.97 23.72 6.99
CA TYR A 811 -19.25 23.57 8.24
C TYR A 811 -18.48 24.83 8.59
N ASN A 812 -17.77 25.37 7.61
CA ASN A 812 -16.99 26.58 7.82
C ASN A 812 -17.87 27.75 8.26
N ARG A 813 -19.08 27.83 7.71
CA ARG A 813 -20.03 28.87 8.07
C ARG A 813 -20.57 28.68 9.47
N ALA A 814 -20.71 27.42 9.88
CA ALA A 814 -21.28 27.09 11.18
C ALA A 814 -20.28 27.32 12.31
N ILE A 815 -18.99 27.13 12.03
CA ILE A 815 -17.96 27.31 13.05
C ILE A 815 -17.20 28.63 12.90
N LYS A 816 -17.65 29.46 11.96
CA LYS A 816 -17.03 30.74 11.72
C LYS A 816 -16.93 31.56 13.00
N GLY A 817 -15.70 31.89 13.41
CA GLY A 817 -15.50 32.69 14.60
C GLY A 817 -14.98 31.93 15.80
N ASN A 818 -14.77 30.63 15.62
CA ASN A 818 -14.18 29.81 16.67
C ASN A 818 -12.79 29.36 16.28
N ILE A 819 -11.78 30.02 16.84
CA ILE A 819 -10.39 29.65 16.57
C ILE A 819 -10.09 28.26 17.13
N ASP A 820 -10.81 27.90 18.19
CA ASP A 820 -10.63 26.61 18.84
C ASP A 820 -11.24 25.46 18.03
N ALA A 821 -12.18 25.78 17.16
CA ALA A 821 -12.85 24.76 16.34
C ALA A 821 -11.91 24.11 15.34
N PRO A 822 -12.07 22.79 15.14
CA PRO A 822 -11.24 22.03 14.19
C PRO A 822 -11.47 22.47 12.75
N GLN A 823 -10.39 22.74 12.04
CA GLN A 823 -10.49 23.15 10.64
C GLN A 823 -10.35 21.96 9.72
N VAL A 824 -11.09 21.99 8.62
CA VAL A 824 -10.95 20.97 7.59
C VAL A 824 -9.67 21.22 6.83
N VAL A 825 -8.81 20.21 6.73
CA VAL A 825 -7.54 20.35 6.02
C VAL A 825 -7.70 20.00 4.55
N GLU A 826 -7.26 20.91 3.68
CA GLU A 826 -7.24 20.66 2.24
C GLU A 826 -6.51 19.36 1.93
N GLY A 827 -7.15 18.49 1.15
CA GLY A 827 -6.54 17.25 0.74
C GLY A 827 -6.85 16.07 1.65
N GLU A 828 -7.12 16.36 2.93
CA GLU A 828 -7.48 15.31 3.87
C GLU A 828 -8.93 14.89 3.69
N LYS A 829 -9.38 13.92 4.49
CA LYS A 829 -10.71 13.38 4.29
C LYS A 829 -11.73 13.93 5.29
N VAL A 830 -13.00 13.90 4.89
CA VAL A 830 -14.06 14.42 5.74
C VAL A 830 -15.20 13.43 5.87
N TYR A 831 -15.91 13.50 6.99
CA TYR A 831 -17.18 12.80 7.12
C TYR A 831 -18.22 13.71 6.52
N VAL A 832 -19.20 13.13 5.83
CA VAL A 832 -20.25 13.94 5.21
C VAL A 832 -21.64 13.43 5.62
N LEU A 833 -22.50 14.36 6.02
CA LEU A 833 -23.88 14.01 6.41
C LEU A 833 -24.91 14.88 5.72
N PRO A 834 -26.02 14.27 5.28
CA PRO A 834 -27.14 15.03 4.71
C PRO A 834 -27.96 15.68 5.81
N LEU A 835 -28.50 16.86 5.54
CA LEU A 835 -29.31 17.59 6.51
C LEU A 835 -30.72 17.79 5.97
N ARG A 836 -31.73 17.55 6.81
CA ARG A 836 -33.12 17.73 6.40
C ARG A 836 -33.38 19.20 6.07
N GLU A 837 -34.38 19.44 5.23
CA GLU A 837 -34.70 20.81 4.83
C GLU A 837 -35.16 21.63 6.02
N GLY A 838 -34.76 22.89 6.05
CA GLY A 838 -35.12 23.78 7.14
C GLY A 838 -34.14 23.70 8.31
N ASN A 839 -33.03 23.00 8.09
CA ASN A 839 -31.97 22.95 9.08
C ASN A 839 -31.32 24.32 9.24
N PRO A 840 -30.83 24.64 10.44
CA PRO A 840 -30.27 25.96 10.72
C PRO A 840 -28.89 26.17 10.12
N PHE A 841 -28.38 25.17 9.40
CA PHE A 841 -27.07 25.28 8.77
C PHE A 841 -27.15 25.90 7.39
N GLY A 842 -28.35 25.94 6.81
CA GLY A 842 -28.59 26.65 5.58
C GLY A 842 -28.21 25.91 4.32
N ASP A 843 -27.96 24.61 4.43
CA ASP A 843 -27.61 23.80 3.27
C ASP A 843 -28.01 22.34 3.47
N LYS A 844 -27.94 21.57 2.39
CA LYS A 844 -28.47 20.21 2.39
C LYS A 844 -27.51 19.17 2.97
N CYS A 845 -26.31 19.60 3.33
CA CYS A 845 -25.34 18.67 3.91
C CYS A 845 -24.28 19.41 4.73
N ILE A 846 -23.55 18.65 5.52
CA ILE A 846 -22.44 19.20 6.28
C ILE A 846 -21.29 18.19 6.28
N ALA A 847 -20.07 18.67 6.51
CA ALA A 847 -18.90 17.82 6.50
C ALA A 847 -17.88 18.31 7.52
N TRP A 848 -17.14 17.38 8.11
CA TRP A 848 -16.13 17.75 9.09
C TRP A 848 -14.98 16.75 8.99
N PRO A 849 -13.80 17.09 9.55
CA PRO A 849 -12.64 16.20 9.47
C PRO A 849 -12.95 14.76 9.87
N SER A 850 -12.56 13.82 9.02
CA SER A 850 -12.80 12.41 9.29
C SER A 850 -11.93 11.93 10.46
N GLY A 851 -12.37 10.83 11.09
CA GLY A 851 -11.64 10.25 12.20
C GLY A 851 -11.86 11.01 13.49
N THR A 852 -12.77 11.99 13.47
CA THR A 852 -13.05 12.80 14.65
C THR A 852 -14.54 12.99 14.88
N GLU A 853 -14.91 13.19 16.14
CA GLU A 853 -16.25 13.64 16.49
C GLU A 853 -16.36 15.07 16.00
N ILE A 854 -17.51 15.44 15.45
CA ILE A 854 -17.73 16.82 15.04
C ILE A 854 -17.76 17.68 16.32
N THR A 855 -17.28 18.91 16.20
CA THR A 855 -17.13 19.79 17.36
C THR A 855 -18.41 19.95 18.17
N ASP A 856 -18.26 20.05 19.49
CA ASP A 856 -19.41 20.20 20.39
C ASP A 856 -20.20 21.48 20.10
N LEU A 857 -19.55 22.44 19.43
CA LEU A 857 -20.19 23.69 19.04
C LEU A 857 -21.49 23.47 18.28
N ILE A 858 -21.48 22.48 17.39
CA ILE A 858 -22.61 22.25 16.49
C ILE A 858 -23.09 20.81 16.47
N LYS A 859 -22.47 19.94 17.27
CA LYS A 859 -22.76 18.50 17.23
C LYS A 859 -24.22 18.15 17.47
N ASP A 860 -24.78 18.66 18.57
CA ASP A 860 -26.17 18.38 18.91
C ASP A 860 -27.15 18.86 17.85
N ASP A 861 -26.82 19.96 17.18
CA ASP A 861 -27.64 20.46 16.08
C ASP A 861 -27.53 19.59 14.82
N VAL A 862 -26.34 19.04 14.57
CA VAL A 862 -26.14 18.16 13.42
C VAL A 862 -26.91 16.85 13.62
N LEU A 863 -26.77 16.26 14.81
CA LEU A 863 -27.50 15.04 15.18
C LEU A 863 -29.00 15.19 15.02
N HIS A 864 -29.52 16.36 15.42
CA HIS A 864 -30.95 16.62 15.36
C HIS A 864 -31.44 16.78 13.92
N TRP A 865 -30.54 17.22 13.04
CA TRP A 865 -30.94 17.56 11.69
C TRP A 865 -30.45 16.61 10.61
N MET A 866 -29.77 15.53 11.01
CA MET A 866 -29.36 14.50 10.07
C MET A 866 -30.56 14.02 9.27
N ASP A 867 -30.37 13.82 7.98
CA ASP A 867 -31.42 13.26 7.16
C ASP A 867 -31.23 11.76 7.05
N TYR A 868 -31.78 11.03 8.01
CA TYR A 868 -31.71 9.58 8.01
C TYR A 868 -32.34 8.99 6.76
N THR A 869 -33.44 9.59 6.31
CA THR A 869 -34.16 9.12 5.14
C THR A 869 -33.26 9.17 3.90
N VAL A 870 -32.68 10.35 3.67
CA VAL A 870 -31.74 10.53 2.56
C VAL A 870 -30.54 9.62 2.73
N LEU A 871 -30.02 9.55 3.96
CA LEU A 871 -28.89 8.71 4.29
C LEU A 871 -29.15 7.26 3.90
N LEU A 872 -30.30 6.74 4.30
CA LEU A 872 -30.66 5.35 4.02
C LEU A 872 -30.75 5.05 2.53
N GLU A 873 -31.65 5.77 1.84
CA GLU A 873 -31.92 5.52 0.43
C GLU A 873 -30.71 5.74 -0.47
N LYS A 874 -29.97 6.81 -0.21
CA LYS A 874 -28.84 7.19 -1.04
C LYS A 874 -27.66 6.26 -0.84
N THR A 875 -27.44 5.85 0.40
CA THR A 875 -26.23 5.11 0.76
C THR A 875 -26.45 3.60 0.83
N PHE A 876 -27.64 3.18 1.26
CA PHE A 876 -27.89 1.77 1.51
C PHE A 876 -28.82 1.15 0.47
N ILE A 877 -29.99 1.74 0.30
CA ILE A 877 -31.00 1.18 -0.59
C ILE A 877 -30.55 1.15 -2.06
N LYS A 878 -30.04 2.28 -2.54
CA LYS A 878 -29.62 2.37 -3.95
C LYS A 878 -28.56 1.33 -4.34
N PRO A 879 -27.47 1.20 -3.54
CA PRO A 879 -26.51 0.15 -3.93
C PRO A 879 -27.11 -1.24 -3.79
N LEU A 880 -27.94 -1.44 -2.78
CA LEU A 880 -28.60 -2.72 -2.57
C LEU A 880 -29.52 -3.04 -3.74
N GLU A 881 -30.16 -2.01 -4.28
CA GLU A 881 -30.99 -2.15 -5.47
C GLU A 881 -30.13 -2.67 -6.62
N GLY A 882 -28.94 -2.10 -6.77
CA GLY A 882 -28.02 -2.52 -7.81
C GLY A 882 -27.61 -3.96 -7.64
N PHE A 883 -27.30 -4.34 -6.39
CA PHE A 883 -26.90 -5.70 -6.08
C PHE A 883 -28.00 -6.68 -6.44
N THR A 884 -29.21 -6.40 -5.96
CA THR A 884 -30.33 -7.32 -6.09
C THR A 884 -30.87 -7.42 -7.52
N SER A 885 -31.03 -6.27 -8.18
CA SER A 885 -31.51 -6.26 -9.55
C SER A 885 -30.57 -7.07 -10.44
N ALA A 886 -29.27 -6.93 -10.18
CA ALA A 886 -28.27 -7.72 -10.89
C ALA A 886 -28.47 -9.20 -10.60
N ALA A 887 -28.60 -9.53 -9.31
CA ALA A 887 -28.73 -10.91 -8.87
C ALA A 887 -30.13 -11.49 -9.09
N LYS A 888 -31.03 -10.69 -9.67
CA LYS A 888 -32.42 -11.10 -9.90
C LYS A 888 -33.12 -11.46 -8.59
N LEU A 889 -32.96 -10.59 -7.59
CA LEU A 889 -33.60 -10.78 -6.29
C LEU A 889 -34.37 -9.54 -5.91
N ASP A 890 -35.20 -9.68 -4.88
CA ASP A 890 -35.85 -8.52 -4.27
C ASP A 890 -35.48 -8.47 -2.79
N TYR A 891 -35.22 -7.27 -2.29
CA TYR A 891 -34.94 -7.10 -0.87
C TYR A 891 -36.21 -6.80 -0.09
N GLU A 892 -37.27 -6.46 -0.83
CA GLU A 892 -38.60 -6.32 -0.24
C GLU A 892 -39.55 -7.28 -0.93
N LYS A 893 -40.40 -7.93 -0.14
CA LYS A 893 -41.37 -8.86 -0.70
C LYS A 893 -42.35 -8.10 -1.60
N LYS A 894 -42.38 -8.46 -2.88
CA LYS A 894 -43.23 -7.79 -3.85
C LYS A 894 -44.70 -8.08 -3.57
N ALA A 895 -45.58 -7.28 -4.16
CA ALA A 895 -47.02 -7.46 -3.98
C ALA A 895 -47.57 -8.53 -4.92
N SER A 896 -48.42 -9.41 -4.39
CA SER A 896 -49.01 -10.48 -5.17
C SER A 896 -50.52 -10.54 -4.98
N LEU A 897 -51.17 -11.45 -5.72
CA LEU A 897 -52.61 -11.68 -5.56
C LEU A 897 -52.91 -12.27 -4.18
N PHE A 898 -51.88 -12.84 -3.56
CA PHE A 898 -52.02 -13.49 -2.26
C PHE A 898 -52.25 -12.48 -1.15
N ASP A 899 -52.05 -11.20 -1.45
CA ASP A 899 -52.28 -10.13 -0.49
C ASP A 899 -53.77 -9.96 -0.20
N MET A 900 -54.60 -10.66 -0.96
CA MET A 900 -56.05 -10.62 -0.76
C MET A 900 -56.50 -11.70 0.23
N PHE A 901 -55.53 -12.41 0.80
CA PHE A 901 -55.83 -13.45 1.80
C PHE A 901 -55.28 -13.05 3.16
N ASP A 902 -55.75 -13.72 4.21
CA ASP A 902 -55.31 -13.46 5.58
C ASP A 902 -54.40 -14.56 6.10
PA TTP D . -2.48 -8.76 -10.59
O1A TTP D . -3.47 -8.29 -9.57
O2A TTP D . -3.00 -10.16 -11.17
O3A TTP D . -1.05 -8.91 -9.85
PB TTP D . 0.02 -9.87 -10.61
O1B TTP D . 1.03 -9.02 -11.29
O2B TTP D . -0.69 -10.79 -11.72
O3B TTP D . 0.85 -10.75 -9.54
PG TTP D . -0.04 -11.93 -8.89
O1G TTP D . -1.39 -12.01 -9.51
O2G TTP D . 0.73 -13.34 -9.10
O3G TTP D . -0.18 -11.66 -7.31
O5' TTP D . -2.45 -7.63 -11.73
C5' TTP D . -2.17 -8.21 -13.01
C4' TTP D . -1.44 -7.14 -13.82
O4' TTP D . -2.06 -5.83 -13.64
C3' TTP D . -0.02 -6.92 -13.25
O3' TTP D . 0.89 -7.91 -13.74
C2' TTP D . 0.31 -5.54 -13.82
C1' TTP D . -1.04 -4.81 -13.62
N1 TTP D . -1.00 -4.14 -12.31
C2 TTP D . -0.35 -2.97 -12.18
O2 TTP D . 0.20 -2.45 -13.13
N3 TTP D . -0.31 -2.34 -10.99
C4 TTP D . -0.91 -2.87 -9.90
O4 TTP D . -0.87 -2.30 -8.83
C5 TTP D . -1.60 -4.10 -10.03
C5M TTP D . -2.28 -4.73 -8.85
C6 TTP D . -1.63 -4.71 -11.23
CA CA E . -2.27 -12.13 -11.56
CA CA F . -5.35 -10.52 -11.62
CA CA G . -0.13 14.06 19.85
CA CA H . -0.42 -24.63 -12.96
CA CA I . -9.10 -30.41 20.55
CA CA J . 17.06 25.39 34.38
CA CA K . -8.82 -0.65 30.38
NA NA L . -15.87 -26.14 7.38
CA CA M . -3.22 -14.54 -8.08
NA NA N . 11.49 31.00 10.92
#